data_8P77
#
_entry.id   8P77
#
_cell.length_a   1.00
_cell.length_b   1.00
_cell.length_c   1.00
_cell.angle_alpha   90.00
_cell.angle_beta   90.00
_cell.angle_gamma   90.00
#
_symmetry.space_group_name_H-M   'P 1'
#
loop_
_entity.id
_entity.type
_entity.pdbx_description
1 polymer 'CDK-activating kinase assembly factor MAT1'
2 polymer Cyclin-H
3 polymer 'Cyclin-dependent kinase 7'
4 non-polymer (3S,4S)-4-[[[7-[(phenylmethyl)amino]-3-propan-2-yl-pyrazolo[1,5-a]pyrimidin-5-yl]amino]methyl]piperidin-3-ol
5 water water
#
loop_
_entity_poly.entity_id
_entity_poly.type
_entity_poly.pdbx_seq_one_letter_code
_entity_poly.pdbx_strand_id
1 'polypeptide(L)'
;SNAPVTFSTGIKMGQHISLAPIHKLEEALYEYQPLQIETYGPHVPELEMLGRLGYLNHVRAASPQDLAGGYTSSLACHRA
LQDAFSGLFWQPS
;
H
2 'polypeptide(L)'
;(ACE)MYHNSSQKRHWTFSSEEQLARLRADANRKFRCKAVANGKVLPNDPVFLEPHEEMTLCKYYEKRLLEFCSVFKPAM
PRSVVGTACMYFKRFYLNNSVMEYHPRIIMLTCAFLACKVDEFNVSSPQFVGNLRESPLGQEKALEQILEYELLLIQQLN
FHLIVHNPYRPFEGFLIDLKTRYPILENPEILRKTADDFLNRIALTDAYLLYTPSQIALTAILSSASRAGITMESYLSES
LMLKENRTCLSQLLDIMKSMRNLVKKYEPPRSEEVAVLKQKLERCHSAELALNVITKKRKGYEDDDYVSKKSKHEEEEWT
DDDLVESL
;
I
3 'polypeptide(L)'
;SNAMALDVKSRAKRYEKLDFLGEGQFATVYKARDKNTNQIVAIKKIKLGHRSEAKDGINRTALREIKLLQELSHPNIIGL
LDAFGHKSNISLVFDFMETDLEVIIKDNSLVLTPSHIKAYMLMTLQGLEYLHQHWILHRDLKPNNLLLDENGVLKLADFG
LAKSFGSPNRAYTHQVVTRWYRAPELLFGARMYGVGVDMWAVGCILAELLLRVPFLPGDSDLDQLTRIFETLGTPTEEQW
PDMCSLPDYVTFKSFPGIPLHHIFSAAGDDLLDLIQGLFLFNPCARITATQALKMKYFSNRPGPTPGCQLPRPNCPVETL
KEQSNPALAIKRKRTEALEQGGLPKKLIF
;
J
#
loop_
_chem_comp.id
_chem_comp.type
_chem_comp.name
_chem_comp.formula
ACE non-polymer 'ACETYL GROUP' 'C2 H4 O'
I73 non-polymer (3S,4S)-4-[[[7-[(phenylmethyl)amino]-3-propan-2-yl-pyrazolo[1,5-a]pyrimidin-5-yl]amino]methyl]piperidin-3-ol 'C22 H30 N6 O'
#
# COMPACT_ATOMS: atom_id res chain seq x y z
N ALA A 28 13.05 13.07 -31.62
CA ALA A 28 12.37 12.38 -30.53
C ALA A 28 13.36 11.95 -29.45
N LEU A 29 13.72 12.89 -28.58
CA LEU A 29 14.65 12.63 -27.49
C LEU A 29 13.91 12.73 -26.16
N TYR A 30 14.17 11.78 -25.27
CA TYR A 30 13.52 11.79 -23.96
C TYR A 30 14.05 12.94 -23.11
N GLU A 31 13.17 13.53 -22.31
CA GLU A 31 13.52 14.56 -21.36
C GLU A 31 12.75 14.31 -20.08
N TYR A 32 13.46 14.23 -18.96
CA TYR A 32 12.81 13.93 -17.69
C TYR A 32 11.95 15.10 -17.22
N GLN A 33 10.83 14.76 -16.60
CA GLN A 33 9.92 15.67 -15.91
C GLN A 33 9.35 14.96 -14.69
N PRO A 34 9.50 15.54 -13.50
CA PRO A 34 9.00 14.88 -12.29
C PRO A 34 7.48 14.71 -12.34
N LEU A 35 7.02 13.62 -11.71
CA LEU A 35 5.58 13.36 -11.65
C LEU A 35 4.87 14.51 -10.95
N GLN A 36 3.83 15.02 -11.58
CA GLN A 36 3.06 16.15 -11.07
C GLN A 36 1.72 15.59 -10.58
N ILE A 37 1.71 15.13 -9.32
CA ILE A 37 0.51 14.59 -8.69
C ILE A 37 0.14 15.50 -7.54
N GLU A 38 -1.07 16.03 -7.56
CA GLU A 38 -1.51 16.96 -6.53
C GLU A 38 -1.72 16.22 -5.22
N THR A 39 -1.16 16.76 -4.13
CA THR A 39 -1.31 16.18 -2.82
C THR A 39 -2.34 16.88 -1.95
N TYR A 40 -2.83 18.05 -2.38
CA TYR A 40 -3.85 18.80 -1.64
C TYR A 40 -3.41 19.09 -0.21
N GLY A 41 -2.14 19.43 -0.04
CA GLY A 41 -1.61 19.71 1.27
C GLY A 41 -0.30 20.48 1.21
N PRO A 42 0.26 20.78 2.38
CA PRO A 42 1.52 21.53 2.43
C PRO A 42 2.64 20.79 1.73
N HIS A 43 3.57 21.55 1.15
CA HIS A 43 4.69 20.96 0.45
C HIS A 43 5.57 20.16 1.41
N VAL A 44 5.99 18.98 0.96
CA VAL A 44 6.84 18.09 1.74
C VAL A 44 8.30 18.38 1.40
N PRO A 45 9.16 18.62 2.40
CA PRO A 45 10.57 18.87 2.10
C PRO A 45 11.23 17.68 1.42
N GLU A 46 12.24 17.97 0.61
CA GLU A 46 12.89 16.93 -0.18
C GLU A 46 13.56 15.91 0.73
N LEU A 47 13.65 14.67 0.22
CA LEU A 47 14.18 13.57 1.02
C LEU A 47 15.62 13.82 1.44
N GLU A 48 16.44 14.30 0.50
CA GLU A 48 17.86 14.51 0.80
C GLU A 48 18.09 15.67 1.76
N MET A 49 17.16 16.61 1.85
CA MET A 49 17.31 17.77 2.74
C MET A 49 16.70 17.54 4.12
N LEU A 50 16.18 16.34 4.40
CA LEU A 50 15.57 16.10 5.70
C LEU A 50 16.60 16.22 6.82
N GLY A 51 17.81 15.69 6.60
CA GLY A 51 18.84 15.81 7.61
C GLY A 51 19.28 17.25 7.83
N ARG A 52 19.47 18.00 6.75
CA ARG A 52 19.92 19.38 6.87
C ARG A 52 18.89 20.24 7.60
N LEU A 53 17.61 20.03 7.32
CA LEU A 53 16.56 20.84 7.94
C LEU A 53 16.26 20.44 9.37
N GLY A 54 16.83 19.34 9.86
CA GLY A 54 16.67 18.95 11.24
C GLY A 54 15.57 17.95 11.52
N TYR A 55 14.91 17.42 10.49
CA TYR A 55 13.84 16.45 10.69
C TYR A 55 14.37 15.15 11.31
N LEU A 56 15.52 14.67 10.81
CA LEU A 56 16.01 13.35 11.22
C LEU A 56 16.40 13.29 12.69
N ASN A 57 16.51 14.43 13.37
CA ASN A 57 16.75 14.42 14.81
C ASN A 57 15.55 13.95 15.60
N HIS A 58 14.38 13.79 14.96
CA HIS A 58 13.16 13.41 15.68
C HIS A 58 12.60 12.07 15.19
N VAL A 59 13.41 11.28 14.49
CA VAL A 59 13.04 9.92 14.10
C VAL A 59 14.12 8.98 14.58
N ARG A 60 13.75 7.72 14.77
CA ARG A 60 14.71 6.73 15.25
C ARG A 60 15.77 6.47 14.20
N ALA A 61 17.03 6.41 14.62
CA ALA A 61 18.12 6.16 13.70
C ALA A 61 18.09 4.71 13.23
N ALA A 62 18.42 4.51 11.95
CA ALA A 62 18.49 3.16 11.41
C ALA A 62 19.72 2.43 11.93
N SER A 63 19.54 1.15 12.25
CA SER A 63 20.66 0.34 12.72
C SER A 63 21.61 0.04 11.57
N PRO A 64 22.85 -0.35 11.88
CA PRO A 64 23.80 -0.69 10.80
C PRO A 64 23.28 -1.77 9.87
N GLN A 65 22.54 -2.74 10.39
CA GLN A 65 21.92 -3.75 9.53
C GLN A 65 20.90 -3.12 8.59
N ASP A 66 20.07 -2.23 9.11
CA ASP A 66 19.09 -1.55 8.26
C ASP A 66 19.77 -0.71 7.20
N LEU A 67 20.84 0.01 7.57
CA LEU A 67 21.59 0.78 6.59
C LEU A 67 22.22 -0.13 5.53
N ALA A 68 22.73 -1.29 5.95
CA ALA A 68 23.29 -2.24 5.01
C ALA A 68 22.24 -2.73 4.03
N GLY A 69 21.02 -2.94 4.51
CA GLY A 69 19.95 -3.34 3.62
C GLY A 69 19.43 -2.24 2.73
N GLY A 70 19.82 -0.99 2.98
CA GLY A 70 19.36 0.14 2.20
C GLY A 70 18.24 0.94 2.84
N TYR A 71 17.85 0.62 4.07
CA TYR A 71 16.82 1.36 4.77
C TYR A 71 17.45 2.45 5.63
N THR A 72 16.97 3.68 5.45
CA THR A 72 17.44 4.82 6.24
C THR A 72 16.25 5.44 6.96
N SER A 73 16.56 6.11 8.08
CA SER A 73 15.52 6.84 8.82
C SER A 73 14.90 7.94 7.98
N SER A 74 15.62 8.43 6.95
CA SER A 74 15.07 9.43 6.06
C SER A 74 13.82 8.91 5.36
N LEU A 75 13.80 7.63 5.00
CA LEU A 75 12.63 7.04 4.36
C LEU A 75 11.41 7.12 5.28
N ALA A 76 11.57 6.70 6.53
CA ALA A 76 10.45 6.74 7.47
C ALA A 76 9.98 8.17 7.72
N CYS A 77 10.93 9.10 7.89
CA CYS A 77 10.55 10.49 8.12
C CYS A 77 9.81 11.07 6.92
N HIS A 78 10.31 10.78 5.71
CA HIS A 78 9.66 11.29 4.50
C HIS A 78 8.26 10.72 4.35
N ARG A 79 8.10 9.43 4.60
CA ARG A 79 6.77 8.82 4.50
C ARG A 79 5.81 9.42 5.51
N ALA A 80 6.29 9.63 6.76
CA ALA A 80 5.43 10.21 7.78
C ALA A 80 5.01 11.63 7.43
N LEU A 81 5.95 12.44 6.93
CA LEU A 81 5.60 13.80 6.53
C LEU A 81 4.63 13.81 5.37
N GLN A 82 4.86 12.94 4.37
CA GLN A 82 3.95 12.87 3.22
C GLN A 82 2.54 12.47 3.66
N ASP A 83 2.44 11.51 4.57
CA ASP A 83 1.12 11.12 5.06
C ASP A 83 0.48 12.22 5.88
N ALA A 84 1.28 12.97 6.65
CA ALA A 84 0.74 14.06 7.44
C ALA A 84 0.18 15.17 6.55
N PHE A 85 0.86 15.46 5.44
CA PHE A 85 0.45 16.58 4.60
C PHE A 85 -0.50 16.19 3.48
N SER A 86 -0.70 14.91 3.22
CA SER A 86 -1.54 14.50 2.10
C SER A 86 -3.01 14.82 2.37
N GLY A 87 -3.63 15.54 1.43
CA GLY A 87 -5.05 15.82 1.50
C GLY A 87 -5.49 16.67 2.67
N LEU A 88 -4.60 17.46 3.26
CA LEU A 88 -5.00 18.33 4.36
C LEU A 88 -5.96 19.42 3.91
N PHE A 89 -5.82 19.90 2.68
CA PHE A 89 -6.63 20.99 2.16
C PHE A 89 -7.79 20.51 1.30
N TRP A 90 -8.01 19.19 1.20
CA TRP A 90 -9.00 18.67 0.29
C TRP A 90 -10.40 18.71 0.89
N GLN A 91 -11.38 19.03 0.05
CA GLN A 91 -12.78 19.05 0.42
C GLN A 91 -13.55 18.06 -0.45
N PRO A 92 -14.35 17.16 0.13
CA PRO A 92 -15.16 16.21 -0.63
C PRO A 92 -16.23 16.90 -1.48
C ACE B 1 -0.62 5.22 -1.13
O ACE B 1 -0.27 5.16 0.05
CH3 ACE B 1 -0.56 4.03 -2.04
N MET B 2 -1.09 6.33 -1.67
CA MET B 2 -1.21 7.57 -0.92
C MET B 2 -2.66 8.04 -0.90
N TYR B 3 -3.03 8.79 0.14
CA TYR B 3 -4.43 9.18 0.30
C TYR B 3 -4.90 10.09 -0.82
N HIS B 4 -4.04 11.03 -1.26
CA HIS B 4 -4.47 12.06 -2.19
C HIS B 4 -4.90 11.51 -3.54
N ASN B 5 -4.59 10.25 -3.86
CA ASN B 5 -5.14 9.57 -5.03
C ASN B 5 -5.65 8.18 -4.67
N SER B 6 -6.20 8.04 -3.47
CA SER B 6 -6.63 6.74 -2.96
C SER B 6 -8.09 6.48 -3.28
N SER B 7 -8.50 5.21 -3.13
CA SER B 7 -9.90 4.87 -3.25
C SER B 7 -10.70 5.39 -2.05
N GLN B 8 -10.06 5.52 -0.89
CA GLN B 8 -10.74 6.06 0.28
C GLN B 8 -11.18 7.50 0.05
N LYS B 9 -10.29 8.32 -0.52
CA LYS B 9 -10.64 9.69 -0.82
C LYS B 9 -11.66 9.77 -1.96
N ARG B 10 -11.48 8.95 -2.99
CA ARG B 10 -12.29 9.06 -4.20
C ARG B 10 -13.72 8.57 -3.95
N HIS B 11 -13.89 7.48 -3.22
CA HIS B 11 -15.17 6.80 -3.12
C HIS B 11 -15.76 6.75 -1.71
N TRP B 12 -14.92 6.80 -0.67
CA TRP B 12 -15.41 6.56 0.69
C TRP B 12 -15.21 7.77 1.60
N THR B 13 -15.12 8.96 1.03
CA THR B 13 -15.16 10.21 1.79
C THR B 13 -16.36 11.01 1.30
N PHE B 14 -17.32 11.23 2.19
CA PHE B 14 -18.63 11.74 1.82
C PHE B 14 -18.78 13.20 2.25
N SER B 15 -19.68 13.90 1.55
CA SER B 15 -19.78 15.35 1.69
C SER B 15 -20.42 15.76 3.01
N SER B 16 -21.38 14.99 3.51
CA SER B 16 -22.11 15.41 4.70
C SER B 16 -22.69 14.20 5.41
N GLU B 17 -23.08 14.42 6.67
CA GLU B 17 -23.78 13.39 7.43
C GLU B 17 -25.14 13.07 6.81
N GLU B 18 -25.73 14.03 6.09
CA GLU B 18 -27.00 13.78 5.44
C GLU B 18 -26.87 12.71 4.37
N GLN B 19 -25.76 12.71 3.62
CA GLN B 19 -25.52 11.67 2.63
C GLN B 19 -25.39 10.30 3.30
N LEU B 20 -24.69 10.23 4.44
CA LEU B 20 -24.57 8.97 5.16
C LEU B 20 -25.93 8.48 5.65
N ALA B 21 -26.73 9.39 6.20
CA ALA B 21 -28.07 9.03 6.66
C ALA B 21 -28.92 8.54 5.49
N ARG B 22 -28.79 9.18 4.33
CA ARG B 22 -29.54 8.73 3.16
C ARG B 22 -29.12 7.33 2.73
N LEU B 23 -27.81 7.05 2.74
CA LEU B 23 -27.34 5.72 2.37
C LEU B 23 -27.85 4.66 3.35
N ARG B 24 -27.78 4.96 4.65
CA ARG B 24 -28.24 3.97 5.64
C ARG B 24 -29.75 3.76 5.56
N ALA B 25 -30.51 4.83 5.36
CA ALA B 25 -31.95 4.70 5.19
C ALA B 25 -32.29 3.92 3.92
N ASP B 26 -31.52 4.12 2.86
CA ASP B 26 -31.72 3.35 1.63
C ASP B 26 -31.47 1.87 1.87
N ALA B 27 -30.41 1.55 2.63
CA ALA B 27 -30.15 0.15 2.95
C ALA B 27 -31.29 -0.45 3.76
N ASN B 28 -31.77 0.28 4.77
CA ASN B 28 -32.86 -0.21 5.61
C ASN B 28 -34.13 -0.44 4.80
N ARG B 29 -34.47 0.53 3.94
CA ARG B 29 -35.68 0.42 3.13
C ARG B 29 -35.55 -0.70 2.09
N LYS B 30 -34.35 -0.89 1.54
CA LYS B 30 -34.16 -2.00 0.61
C LYS B 30 -34.34 -3.34 1.30
N PHE B 31 -33.81 -3.49 2.51
CA PHE B 31 -34.04 -4.73 3.24
C PHE B 31 -35.51 -4.92 3.54
N ARG B 32 -36.21 -3.84 3.92
CA ARG B 32 -37.64 -3.95 4.18
C ARG B 32 -38.41 -4.39 2.94
N CYS B 33 -38.09 -3.81 1.79
CA CYS B 33 -38.77 -4.19 0.55
C CYS B 33 -38.48 -5.65 0.18
N LYS B 34 -37.21 -6.06 0.32
CA LYS B 34 -36.85 -7.44 0.02
C LYS B 34 -37.56 -8.42 0.93
N ALA B 35 -37.65 -8.09 2.23
CA ALA B 35 -38.33 -8.98 3.17
C ALA B 35 -39.83 -9.02 2.92
N VAL B 36 -40.42 -7.88 2.55
CA VAL B 36 -41.85 -7.86 2.24
C VAL B 36 -42.14 -8.71 1.01
N ALA B 37 -41.33 -8.57 -0.03
CA ALA B 37 -41.50 -9.40 -1.22
C ALA B 37 -41.25 -10.88 -0.91
N ASN B 38 -40.30 -11.16 -0.01
CA ASN B 38 -39.95 -12.54 0.31
C ASN B 38 -40.92 -13.15 1.30
N GLY B 39 -41.03 -12.56 2.49
CA GLY B 39 -41.89 -13.08 3.53
C GLY B 39 -43.37 -12.92 3.24
N ASP B 45 -44.42 -5.82 9.59
CA ASP B 45 -44.34 -6.24 10.98
C ASP B 45 -43.44 -5.29 11.78
N PRO B 46 -43.71 -5.15 13.07
CA PRO B 46 -42.87 -4.30 13.93
C PRO B 46 -41.53 -4.92 14.29
N VAL B 47 -41.22 -6.11 13.77
CA VAL B 47 -39.92 -6.72 14.01
C VAL B 47 -38.80 -5.94 13.34
N PHE B 48 -39.12 -5.16 12.31
CA PHE B 48 -38.12 -4.41 11.57
C PHE B 48 -37.43 -3.39 12.48
N LEU B 49 -36.15 -3.14 12.20
CA LEU B 49 -35.36 -2.17 12.93
C LEU B 49 -35.43 -0.81 12.25
N GLU B 50 -35.47 0.25 13.05
CA GLU B 50 -35.40 1.59 12.53
C GLU B 50 -33.95 1.97 12.21
N PRO B 51 -33.75 2.94 11.31
CA PRO B 51 -32.37 3.35 10.99
C PRO B 51 -31.57 3.80 12.20
N HIS B 52 -32.18 4.52 13.14
CA HIS B 52 -31.46 4.92 14.34
C HIS B 52 -31.16 3.71 15.24
N GLU B 53 -32.05 2.73 15.28
CA GLU B 53 -31.77 1.49 15.99
C GLU B 53 -30.62 0.73 15.34
N GLU B 54 -30.61 0.69 14.01
CA GLU B 54 -29.49 0.09 13.30
C GLU B 54 -28.19 0.81 13.62
N MET B 55 -28.23 2.14 13.68
CA MET B 55 -27.03 2.91 13.99
C MET B 55 -26.56 2.61 15.41
N THR B 56 -27.49 2.50 16.37
CA THR B 56 -27.12 2.16 17.73
C THR B 56 -26.45 0.79 17.81
N LEU B 57 -27.01 -0.20 17.12
CA LEU B 57 -26.40 -1.52 17.11
C LEU B 57 -25.05 -1.51 16.43
N CYS B 58 -24.91 -0.72 15.36
CA CYS B 58 -23.63 -0.61 14.66
C CYS B 58 -22.58 -0.01 15.57
N LYS B 59 -22.94 1.00 16.35
CA LYS B 59 -22.00 1.59 17.30
C LYS B 59 -21.62 0.58 18.38
N TYR B 60 -22.61 -0.16 18.89
CA TYR B 60 -22.31 -1.18 19.90
C TYR B 60 -21.35 -2.24 19.36
N TYR B 61 -21.58 -2.69 18.14
CA TYR B 61 -20.72 -3.74 17.59
C TYR B 61 -19.39 -3.20 17.07
N GLU B 62 -19.30 -1.91 16.75
CA GLU B 62 -17.99 -1.30 16.55
C GLU B 62 -17.19 -1.30 17.85
N LYS B 63 -17.86 -0.99 18.97
CA LYS B 63 -17.20 -1.12 20.27
C LYS B 63 -16.77 -2.56 20.54
N ARG B 64 -17.63 -3.52 20.18
CA ARG B 64 -17.28 -4.92 20.35
C ARG B 64 -16.08 -5.31 19.50
N LEU B 65 -16.03 -4.81 18.25
CA LEU B 65 -14.89 -5.08 17.38
C LEU B 65 -13.61 -4.47 17.96
N LEU B 66 -13.72 -3.26 18.52
CA LEU B 66 -12.58 -2.65 19.20
C LEU B 66 -12.10 -3.52 20.35
N GLU B 67 -13.02 -4.03 21.16
CA GLU B 67 -12.65 -4.89 22.28
C GLU B 67 -11.99 -6.17 21.78
N PHE B 68 -12.53 -6.77 20.72
CA PHE B 68 -11.96 -8.00 20.18
C PHE B 68 -10.54 -7.77 19.67
N CYS B 69 -10.34 -6.67 18.94
CA CYS B 69 -9.01 -6.35 18.42
C CYS B 69 -8.06 -5.95 19.55
N SER B 70 -8.58 -5.48 20.67
CA SER B 70 -7.71 -5.03 21.77
C SER B 70 -6.96 -6.20 22.41
N VAL B 71 -7.66 -7.30 22.68
CA VAL B 71 -7.07 -8.44 23.36
C VAL B 71 -6.69 -9.55 22.37
N PHE B 72 -6.53 -9.21 21.10
CA PHE B 72 -6.18 -10.20 20.10
C PHE B 72 -4.71 -10.60 20.25
N LYS B 73 -4.45 -11.90 20.29
CA LYS B 73 -3.11 -12.44 20.35
C LYS B 73 -2.79 -13.20 19.07
N PRO B 74 -1.66 -12.93 18.40
CA PRO B 74 -0.60 -11.97 18.74
C PRO B 74 -1.07 -10.51 18.68
N ALA B 75 -0.30 -9.59 19.26
CA ALA B 75 -0.73 -8.19 19.37
C ALA B 75 -1.08 -7.62 18.01
N MET B 76 -2.30 -7.12 17.89
CA MET B 76 -2.78 -6.59 16.62
C MET B 76 -2.23 -5.19 16.40
N PRO B 77 -1.59 -4.92 15.26
CA PRO B 77 -1.19 -3.54 14.95
C PRO B 77 -2.39 -2.61 14.89
N ARG B 78 -2.19 -1.38 15.36
CA ARG B 78 -3.29 -0.42 15.42
C ARG B 78 -3.80 -0.09 14.01
N SER B 79 -2.93 -0.19 13.00
CA SER B 79 -3.38 -0.03 11.63
C SER B 79 -4.40 -1.08 11.24
N VAL B 80 -4.19 -2.33 11.67
CA VAL B 80 -5.15 -3.40 11.40
C VAL B 80 -6.49 -3.09 12.05
N VAL B 81 -6.46 -2.62 13.30
CA VAL B 81 -7.69 -2.30 14.01
C VAL B 81 -8.44 -1.17 13.29
N GLY B 82 -7.72 -0.13 12.89
CA GLY B 82 -8.36 0.95 12.16
C GLY B 82 -8.95 0.48 10.85
N THR B 83 -8.21 -0.37 10.13
CA THR B 83 -8.73 -0.93 8.88
C THR B 83 -10.00 -1.72 9.10
N ALA B 84 -10.04 -2.55 10.15
CA ALA B 84 -11.23 -3.35 10.43
C ALA B 84 -12.42 -2.46 10.80
N CYS B 85 -12.18 -1.44 11.63
CA CYS B 85 -13.27 -0.54 12.01
C CYS B 85 -13.81 0.21 10.79
N MET B 86 -12.92 0.67 9.92
CA MET B 86 -13.37 1.35 8.70
C MET B 86 -14.14 0.39 7.80
N TYR B 87 -13.69 -0.87 7.73
CA TYR B 87 -14.42 -1.89 7.00
C TYR B 87 -15.84 -2.02 7.52
N PHE B 88 -15.98 -2.07 8.85
CA PHE B 88 -17.30 -2.20 9.47
C PHE B 88 -18.19 -1.03 9.11
N LYS B 89 -17.66 0.20 9.24
CA LYS B 89 -18.43 1.39 8.91
C LYS B 89 -18.87 1.38 7.45
N ARG B 90 -17.94 1.07 6.54
CA ARG B 90 -18.27 1.05 5.12
C ARG B 90 -19.30 -0.02 4.79
N PHE B 91 -19.17 -1.20 5.40
CA PHE B 91 -20.13 -2.26 5.14
C PHE B 91 -21.53 -1.85 5.56
N TYR B 92 -21.67 -1.30 6.76
CA TYR B 92 -23.00 -0.94 7.24
C TYR B 92 -23.46 0.43 6.78
N LEU B 93 -22.67 1.11 5.96
CA LEU B 93 -23.22 2.24 5.20
C LEU B 93 -24.29 1.76 4.22
N ASN B 94 -24.06 0.64 3.54
CA ASN B 94 -24.94 0.17 2.48
C ASN B 94 -25.61 -1.16 2.78
N ASN B 95 -25.56 -1.64 4.02
CA ASN B 95 -26.16 -2.91 4.37
C ASN B 95 -26.86 -2.81 5.71
N SER B 96 -27.90 -3.63 5.87
CA SER B 96 -28.69 -3.65 7.09
C SER B 96 -28.20 -4.75 8.02
N VAL B 97 -28.20 -4.45 9.33
CA VAL B 97 -27.82 -5.45 10.31
C VAL B 97 -28.83 -6.59 10.39
N MET B 98 -30.07 -6.36 9.96
CA MET B 98 -31.06 -7.44 9.98
C MET B 98 -30.75 -8.50 8.92
N GLU B 99 -30.08 -8.12 7.84
CA GLU B 99 -29.69 -9.10 6.83
C GLU B 99 -28.41 -9.83 7.26
N TYR B 100 -27.34 -9.08 7.46
CA TYR B 100 -26.04 -9.64 7.84
C TYR B 100 -25.76 -9.27 9.28
N HIS B 101 -25.59 -10.28 10.14
CA HIS B 101 -25.46 -10.03 11.57
C HIS B 101 -24.15 -9.30 11.85
N PRO B 102 -24.18 -8.20 12.60
CA PRO B 102 -22.94 -7.47 12.88
C PRO B 102 -21.89 -8.27 13.65
N ARG B 103 -22.31 -9.24 14.46
CA ARG B 103 -21.34 -10.00 15.23
C ARG B 103 -20.40 -10.80 14.33
N ILE B 104 -20.93 -11.37 13.24
CA ILE B 104 -20.08 -12.11 12.32
C ILE B 104 -19.37 -11.16 11.36
N ILE B 105 -20.04 -10.07 10.98
CA ILE B 105 -19.47 -9.12 10.03
C ILE B 105 -18.24 -8.46 10.62
N MET B 106 -18.27 -8.13 11.92
CA MET B 106 -17.12 -7.50 12.55
C MET B 106 -15.93 -8.45 12.62
N LEU B 107 -16.17 -9.73 12.88
CA LEU B 107 -15.08 -10.71 12.87
C LEU B 107 -14.52 -10.88 11.46
N THR B 108 -15.40 -10.88 10.45
CA THR B 108 -14.93 -10.92 9.07
C THR B 108 -14.11 -9.69 8.73
N CYS B 109 -14.51 -8.53 9.25
CA CYS B 109 -13.74 -7.31 9.05
C CYS B 109 -12.35 -7.43 9.66
N ALA B 110 -12.27 -7.95 10.88
CA ALA B 110 -10.97 -8.15 11.52
C ALA B 110 -10.10 -9.12 10.73
N PHE B 111 -10.71 -10.23 10.26
CA PHE B 111 -9.99 -11.23 9.48
C PHE B 111 -9.44 -10.62 8.19
N LEU B 112 -10.29 -9.94 7.43
CA LEU B 112 -9.86 -9.33 6.17
C LEU B 112 -8.82 -8.25 6.41
N ALA B 113 -8.97 -7.47 7.48
CA ALA B 113 -7.98 -6.44 7.80
C ALA B 113 -6.63 -7.04 8.14
N CYS B 114 -6.64 -8.15 8.90
CA CYS B 114 -5.40 -8.87 9.16
C CYS B 114 -4.73 -9.31 7.86
N LYS B 115 -5.52 -9.82 6.93
CA LYS B 115 -4.96 -10.23 5.65
C LYS B 115 -4.41 -9.04 4.86
N VAL B 116 -5.17 -7.95 4.80
CA VAL B 116 -4.82 -6.82 3.94
C VAL B 116 -3.61 -6.08 4.48
N ASP B 117 -3.54 -5.86 5.78
CA ASP B 117 -2.44 -5.14 6.39
C ASP B 117 -1.22 -6.02 6.64
N GLU B 118 -1.17 -7.21 6.03
CA GLU B 118 -0.02 -8.11 6.11
C GLU B 118 0.34 -8.44 7.56
N PHE B 119 -0.68 -8.68 8.37
CA PHE B 119 -0.50 -9.13 9.75
C PHE B 119 -0.76 -10.64 9.75
N ASN B 120 0.31 -11.40 9.55
CA ASN B 120 0.19 -12.84 9.31
C ASN B 120 -0.28 -13.53 10.59
N VAL B 121 -1.55 -13.94 10.59
CA VAL B 121 -2.15 -14.70 11.67
C VAL B 121 -2.95 -15.83 11.06
N SER B 122 -2.64 -17.07 11.47
CA SER B 122 -3.35 -18.23 10.94
C SER B 122 -4.80 -18.22 11.41
N SER B 123 -5.67 -18.84 10.60
CA SER B 123 -7.08 -18.92 10.95
C SER B 123 -7.33 -19.61 12.29
N PRO B 124 -6.70 -20.76 12.61
CA PRO B 124 -6.93 -21.34 13.94
C PRO B 124 -6.59 -20.43 15.09
N GLN B 125 -5.46 -19.71 15.02
CA GLN B 125 -5.14 -18.78 16.08
C GLN B 125 -5.93 -17.48 16.00
N PHE B 126 -6.49 -17.17 14.84
CA PHE B 126 -7.46 -16.07 14.75
C PHE B 126 -8.72 -16.41 15.54
N VAL B 127 -9.27 -17.61 15.33
CA VAL B 127 -10.50 -17.98 16.03
C VAL B 127 -10.24 -18.43 17.46
N GLY B 128 -8.99 -18.74 17.82
CA GLY B 128 -8.67 -19.01 19.21
C GLY B 128 -8.78 -17.79 20.10
N ASN B 129 -8.71 -16.58 19.52
CA ASN B 129 -8.90 -15.36 20.27
C ASN B 129 -10.36 -15.14 20.68
N LEU B 130 -11.29 -15.88 20.08
CA LEU B 130 -12.70 -15.75 20.42
C LEU B 130 -12.99 -16.36 21.77
N ARG B 131 -13.86 -15.71 22.54
CA ARG B 131 -14.27 -16.20 23.85
C ARG B 131 -15.40 -17.21 23.71
N GLU B 132 -15.20 -18.24 22.91
CA GLU B 132 -16.23 -19.22 22.61
C GLU B 132 -15.62 -20.62 22.66
N SER B 133 -16.50 -21.62 22.75
CA SER B 133 -16.08 -23.01 22.82
C SER B 133 -15.42 -23.41 21.50
N PRO B 134 -14.56 -24.44 21.52
CA PRO B 134 -13.87 -24.84 20.28
C PRO B 134 -14.80 -25.14 19.12
N LEU B 135 -15.94 -25.78 19.37
CA LEU B 135 -16.92 -25.97 18.31
C LEU B 135 -17.52 -24.64 17.90
N GLY B 136 -17.78 -23.75 18.86
CA GLY B 136 -18.21 -22.41 18.52
C GLY B 136 -17.17 -21.65 17.72
N GLN B 137 -15.90 -21.84 18.05
CA GLN B 137 -14.83 -21.20 17.28
C GLN B 137 -14.79 -21.73 15.85
N GLU B 138 -14.98 -23.04 15.68
CA GLU B 138 -15.02 -23.62 14.34
C GLU B 138 -16.20 -23.09 13.54
N LYS B 139 -17.37 -22.99 14.17
CA LYS B 139 -18.54 -22.43 13.49
C LYS B 139 -18.31 -20.97 13.11
N ALA B 140 -17.70 -20.20 14.00
CA ALA B 140 -17.41 -18.80 13.70
C ALA B 140 -16.42 -18.69 12.54
N LEU B 141 -15.41 -19.57 12.51
CA LEU B 141 -14.48 -19.59 11.39
C LEU B 141 -15.21 -19.87 10.09
N GLU B 142 -16.13 -20.84 10.11
CA GLU B 142 -16.90 -21.14 8.90
C GLU B 142 -17.73 -19.95 8.46
N GLN B 143 -18.36 -19.26 9.41
CA GLN B 143 -19.16 -18.08 9.08
C GLN B 143 -18.29 -16.97 8.49
N ILE B 144 -17.09 -16.77 9.07
CA ILE B 144 -16.17 -15.76 8.57
C ILE B 144 -15.75 -16.08 7.14
N LEU B 145 -15.43 -17.36 6.88
CA LEU B 145 -15.06 -17.75 5.52
C LEU B 145 -16.22 -17.58 4.56
N GLU B 146 -17.46 -17.79 5.04
CA GLU B 146 -18.62 -17.54 4.20
C GLU B 146 -18.76 -16.06 3.84
N TYR B 147 -18.53 -15.18 4.82
CA TYR B 147 -18.78 -13.76 4.61
C TYR B 147 -17.56 -12.96 4.13
N GLU B 148 -16.40 -13.58 3.97
CA GLU B 148 -15.22 -12.82 3.54
C GLU B 148 -15.42 -12.20 2.17
N LEU B 149 -15.84 -13.00 1.19
CA LEU B 149 -16.04 -12.46 -0.16
C LEU B 149 -17.20 -11.48 -0.19
N LEU B 150 -18.25 -11.73 0.60
CA LEU B 150 -19.34 -10.77 0.71
C LEU B 150 -18.85 -9.42 1.19
N LEU B 151 -18.04 -9.41 2.26
CA LEU B 151 -17.50 -8.16 2.77
C LEU B 151 -16.64 -7.47 1.74
N ILE B 152 -15.79 -8.24 1.05
CA ILE B 152 -14.92 -7.65 0.03
C ILE B 152 -15.74 -7.03 -1.09
N GLN B 153 -16.82 -7.71 -1.52
CA GLN B 153 -17.70 -7.15 -2.54
C GLN B 153 -18.37 -5.88 -2.07
N GLN B 154 -18.84 -5.86 -0.82
CA GLN B 154 -19.54 -4.70 -0.30
C GLN B 154 -18.61 -3.53 -0.04
N LEU B 155 -17.31 -3.77 0.10
CA LEU B 155 -16.32 -2.70 0.11
C LEU B 155 -15.95 -2.25 -1.30
N ASN B 156 -16.53 -2.86 -2.32
CA ASN B 156 -16.22 -2.58 -3.73
C ASN B 156 -14.74 -2.82 -4.02
N PHE B 157 -14.15 -3.81 -3.33
CA PHE B 157 -12.76 -4.21 -3.55
C PHE B 157 -11.79 -3.07 -3.29
N HIS B 158 -12.15 -2.18 -2.37
CA HIS B 158 -11.28 -1.09 -1.91
C HIS B 158 -10.81 -1.48 -0.51
N LEU B 159 -9.62 -2.07 -0.44
CA LEU B 159 -9.15 -2.67 0.81
C LEU B 159 -8.12 -1.83 1.55
N ILE B 160 -7.38 -0.96 0.86
CA ILE B 160 -6.40 -0.12 1.53
C ILE B 160 -7.12 1.00 2.24
N VAL B 161 -6.89 1.11 3.56
CA VAL B 161 -7.52 2.13 4.39
C VAL B 161 -6.42 3.02 4.95
N HIS B 162 -6.56 4.33 4.71
CA HIS B 162 -5.59 5.30 5.22
C HIS B 162 -6.06 5.78 6.58
N ASN B 163 -5.30 5.45 7.61
CA ASN B 163 -5.59 5.76 8.99
C ASN B 163 -4.92 7.07 9.38
N PRO B 164 -5.35 7.70 10.48
CA PRO B 164 -4.73 8.95 10.91
C PRO B 164 -3.47 8.80 11.75
N TYR B 165 -3.03 7.56 12.06
CA TYR B 165 -1.91 7.39 12.98
C TYR B 165 -0.59 7.84 12.36
N ARG B 166 -0.32 7.42 11.12
CA ARG B 166 0.88 7.89 10.45
C ARG B 166 0.86 9.39 10.18
N PRO B 167 -0.24 10.00 9.71
CA PRO B 167 -0.27 11.47 9.67
C PRO B 167 -0.05 12.11 11.01
N PHE B 168 -0.54 11.50 12.10
CA PHE B 168 -0.28 12.02 13.43
C PHE B 168 1.21 12.01 13.73
N GLU B 169 1.90 10.91 13.39
CA GLU B 169 3.35 10.85 13.59
C GLU B 169 4.07 11.89 12.76
N GLY B 170 3.66 12.06 11.50
CA GLY B 170 4.27 13.06 10.65
C GLY B 170 4.09 14.47 11.15
N PHE B 171 2.88 14.78 11.65
CA PHE B 171 2.63 16.09 12.25
C PHE B 171 3.47 16.30 13.50
N LEU B 172 3.64 15.25 14.31
CA LEU B 172 4.48 15.38 15.49
C LEU B 172 5.93 15.66 15.10
N ILE B 173 6.42 14.99 14.05
CA ILE B 173 7.77 15.27 13.56
C ILE B 173 7.88 16.71 13.07
N ASP B 174 6.88 17.16 12.32
CA ASP B 174 6.90 18.53 11.81
C ASP B 174 6.87 19.55 12.94
N LEU B 175 6.07 19.30 13.97
CA LEU B 175 6.02 20.19 15.12
C LEU B 175 7.35 20.21 15.86
N LYS B 176 7.97 19.04 16.04
CA LYS B 176 9.27 18.98 16.70
C LYS B 176 10.34 19.72 15.93
N THR B 177 10.25 19.71 14.60
CA THR B 177 11.28 20.34 13.78
C THR B 177 11.07 21.84 13.58
N ARG B 178 9.87 22.22 13.12
CA ARG B 178 9.63 23.56 12.59
C ARG B 178 8.83 24.46 13.51
N TYR B 179 8.38 23.98 14.67
CA TYR B 179 7.54 24.76 15.57
C TYR B 179 8.15 24.76 16.97
N PRO B 180 9.27 25.46 17.15
CA PRO B 180 9.90 25.49 18.49
C PRO B 180 9.06 26.19 19.55
N ILE B 181 8.06 26.98 19.16
CA ILE B 181 7.19 27.62 20.14
C ILE B 181 6.54 26.56 21.04
N LEU B 182 6.04 25.49 20.42
CA LEU B 182 5.65 24.30 21.17
C LEU B 182 6.93 23.53 21.48
N GLU B 183 7.45 23.70 22.69
CA GLU B 183 8.78 23.21 23.01
C GLU B 183 8.85 21.69 22.93
N ASN B 184 7.87 20.99 23.49
CA ASN B 184 7.83 19.53 23.48
C ASN B 184 6.49 19.07 22.93
N PRO B 185 6.40 18.82 21.62
CA PRO B 185 5.13 18.33 21.05
C PRO B 185 4.70 16.98 21.60
N GLU B 186 5.61 16.20 22.18
CA GLU B 186 5.24 14.89 22.71
C GLU B 186 4.21 14.99 23.82
N ILE B 187 4.21 16.09 24.57
CA ILE B 187 3.22 16.28 25.63
C ILE B 187 1.80 16.31 25.06
N LEU B 188 1.66 16.52 23.74
CA LEU B 188 0.34 16.49 23.12
C LEU B 188 -0.13 15.10 22.77
N ARG B 189 0.77 14.11 22.76
CA ARG B 189 0.43 12.79 22.20
C ARG B 189 -0.75 12.15 22.90
N LYS B 190 -0.57 11.77 24.17
CA LYS B 190 -1.57 11.01 24.91
C LYS B 190 -2.96 11.62 24.74
N THR B 191 -3.13 12.87 25.19
CA THR B 191 -4.41 13.54 25.08
C THR B 191 -4.94 13.50 23.65
N ALA B 192 -4.09 13.86 22.68
CA ALA B 192 -4.54 13.85 21.29
C ALA B 192 -4.97 12.45 20.88
N ASP B 193 -4.20 11.43 21.28
CA ASP B 193 -4.59 10.06 20.96
C ASP B 193 -5.98 9.77 21.48
N ASP B 194 -6.28 10.21 22.70
CA ASP B 194 -7.61 10.01 23.25
C ASP B 194 -8.66 10.60 22.31
N PHE B 195 -8.45 11.85 21.89
CA PHE B 195 -9.39 12.48 20.98
C PHE B 195 -9.52 11.66 19.71
N LEU B 196 -8.39 11.17 19.18
CA LEU B 196 -8.42 10.33 17.99
C LEU B 196 -9.40 9.18 18.18
N ASN B 197 -9.28 8.48 19.31
CA ASN B 197 -10.17 7.37 19.57
C ASN B 197 -11.62 7.82 19.55
N ARG B 198 -11.92 8.93 20.24
CA ARG B 198 -13.27 9.45 20.23
C ARG B 198 -13.69 9.86 18.82
N ILE B 199 -12.76 10.43 18.05
CA ILE B 199 -13.05 10.76 16.66
C ILE B 199 -13.42 9.50 15.89
N ALA B 200 -12.77 8.39 16.20
CA ALA B 200 -13.06 7.14 15.50
C ALA B 200 -14.49 6.66 15.79
N LEU B 201 -15.06 7.08 16.91
CA LEU B 201 -16.41 6.60 17.25
C LEU B 201 -17.48 7.24 16.39
N THR B 202 -17.21 8.40 15.79
CA THR B 202 -18.19 9.10 14.98
C THR B 202 -18.05 8.69 13.52
N ASP B 203 -18.71 9.42 12.63
CA ASP B 203 -18.63 9.21 11.20
C ASP B 203 -17.54 10.03 10.54
N ALA B 204 -16.70 10.71 11.34
CA ALA B 204 -15.67 11.57 10.79
C ALA B 204 -14.75 10.83 9.82
N TYR B 205 -14.50 9.54 10.07
CA TYR B 205 -13.63 8.77 9.19
C TYR B 205 -14.21 8.62 7.79
N LEU B 206 -15.53 8.74 7.64
CA LEU B 206 -16.18 8.72 6.34
C LEU B 206 -16.39 10.12 5.77
N LEU B 207 -16.00 11.17 6.49
CA LEU B 207 -16.28 12.53 6.08
C LEU B 207 -15.04 13.42 5.97
N TYR B 208 -13.91 13.03 6.57
CA TYR B 208 -12.74 13.88 6.61
C TYR B 208 -11.49 13.06 6.30
N THR B 209 -10.47 13.75 5.81
CA THR B 209 -9.22 13.10 5.47
C THR B 209 -8.46 12.68 6.73
N PRO B 210 -7.63 11.63 6.65
CA PRO B 210 -6.83 11.25 7.82
C PRO B 210 -5.91 12.37 8.30
N SER B 211 -5.36 13.17 7.38
CA SER B 211 -4.53 14.29 7.79
C SER B 211 -5.34 15.32 8.57
N GLN B 212 -6.56 15.62 8.09
CA GLN B 212 -7.42 16.55 8.82
C GLN B 212 -7.78 16.01 10.19
N ILE B 213 -8.06 14.71 10.28
CA ILE B 213 -8.41 14.12 11.57
C ILE B 213 -7.23 14.19 12.53
N ALA B 214 -6.03 13.86 12.07
CA ALA B 214 -4.86 13.92 12.92
C ALA B 214 -4.57 15.36 13.37
N LEU B 215 -4.67 16.32 12.44
CA LEU B 215 -4.43 17.71 12.80
C LEU B 215 -5.47 18.22 13.79
N THR B 216 -6.74 17.83 13.61
CA THR B 216 -7.78 18.21 14.56
C THR B 216 -7.49 17.63 15.94
N ALA B 217 -7.06 16.37 15.99
CA ALA B 217 -6.74 15.77 17.28
C ALA B 217 -5.59 16.51 17.96
N ILE B 218 -4.55 16.83 17.21
CA ILE B 218 -3.39 17.52 17.80
C ILE B 218 -3.78 18.91 18.29
N LEU B 219 -4.51 19.66 17.47
CA LEU B 219 -4.86 21.02 17.85
C LEU B 219 -5.87 21.05 18.98
N SER B 220 -6.77 20.07 19.05
CA SER B 220 -7.68 19.97 20.19
C SER B 220 -6.93 19.62 21.46
N SER B 221 -5.92 18.75 21.36
CA SER B 221 -5.06 18.47 22.50
C SER B 221 -4.34 19.72 22.97
N ALA B 222 -3.84 20.52 22.02
CA ALA B 222 -3.21 21.78 22.37
C ALA B 222 -4.19 22.74 23.05
N SER B 223 -5.43 22.78 22.53
CA SER B 223 -6.44 23.66 23.12
C SER B 223 -6.77 23.26 24.56
N ARG B 224 -6.93 21.96 24.81
CA ARG B 224 -7.11 21.52 26.18
C ARG B 224 -5.84 21.71 27.01
N ALA B 225 -4.68 21.81 26.35
CA ALA B 225 -3.45 22.16 27.04
C ALA B 225 -3.29 23.65 27.26
N GLY B 226 -4.16 24.48 26.67
CA GLY B 226 -4.05 25.91 26.79
C GLY B 226 -3.03 26.54 25.87
N ILE B 227 -2.66 25.86 24.78
CA ILE B 227 -1.64 26.32 23.85
C ILE B 227 -2.30 26.62 22.51
N THR B 228 -2.03 27.81 21.98
CA THR B 228 -2.56 28.21 20.68
C THR B 228 -1.46 28.04 19.63
N MET B 229 -1.67 27.11 18.70
CA MET B 229 -0.77 26.91 17.56
C MET B 229 -1.41 27.38 16.26
N GLU B 230 -2.15 28.48 16.30
CA GLU B 230 -2.70 29.05 15.07
C GLU B 230 -1.59 29.47 14.12
N SER B 231 -0.45 29.91 14.66
CA SER B 231 0.67 30.28 13.81
C SER B 231 1.27 29.08 13.09
N TYR B 232 1.12 27.88 13.66
CA TYR B 232 1.57 26.68 12.95
C TYR B 232 0.82 26.52 11.63
N LEU B 233 -0.51 26.69 11.66
CA LEU B 233 -1.26 26.72 10.42
C LEU B 233 -0.88 27.91 9.57
N SER B 234 -0.76 29.09 10.18
CA SER B 234 -0.50 30.31 9.43
C SER B 234 0.91 30.31 8.85
N GLU B 235 1.93 30.22 9.71
CA GLU B 235 3.32 30.38 9.26
C GLU B 235 3.87 29.09 8.68
N SER B 236 3.90 28.03 9.48
CA SER B 236 4.58 26.80 9.07
C SER B 236 3.92 26.17 7.84
N LEU B 237 2.59 26.12 7.82
CA LEU B 237 1.87 25.51 6.72
C LEU B 237 1.56 26.50 5.60
N MET B 238 2.07 27.73 5.69
CA MET B 238 1.95 28.73 4.63
C MET B 238 0.50 29.08 4.32
N LEU B 239 -0.38 28.98 5.31
CA LEU B 239 -1.78 29.34 5.10
C LEU B 239 -2.05 30.82 5.28
N LYS B 240 -1.03 31.61 5.65
CA LYS B 240 -1.18 33.06 5.60
C LYS B 240 -1.31 33.54 4.16
N GLU B 241 -0.77 32.77 3.21
CA GLU B 241 -0.87 33.13 1.80
C GLU B 241 -2.28 32.88 1.26
N ASN B 242 -2.92 31.80 1.68
CA ASN B 242 -4.27 31.44 1.25
C ASN B 242 -5.20 31.56 2.45
N ARG B 243 -5.86 32.72 2.57
CA ARG B 243 -6.78 32.93 3.68
C ARG B 243 -7.97 31.98 3.62
N THR B 244 -8.48 31.72 2.41
CA THR B 244 -9.63 30.83 2.27
C THR B 244 -9.27 29.40 2.67
N CYS B 245 -8.05 28.96 2.37
CA CYS B 245 -7.61 27.64 2.79
C CYS B 245 -7.59 27.53 4.32
N LEU B 246 -7.07 28.55 5.00
CA LEU B 246 -7.05 28.55 6.45
C LEU B 246 -8.46 28.54 7.02
N SER B 247 -9.36 29.35 6.44
CA SER B 247 -10.74 29.36 6.92
C SER B 247 -11.42 28.01 6.72
N GLN B 248 -11.20 27.39 5.56
CA GLN B 248 -11.78 26.07 5.30
C GLN B 248 -11.24 25.03 6.26
N LEU B 249 -9.94 25.06 6.54
CA LEU B 249 -9.36 24.10 7.48
C LEU B 249 -9.93 24.29 8.88
N LEU B 250 -10.02 25.54 9.33
CA LEU B 250 -10.58 25.80 10.65
C LEU B 250 -12.04 25.36 10.73
N ASP B 251 -12.80 25.58 9.65
CA ASP B 251 -14.19 25.12 9.62
C ASP B 251 -14.25 23.59 9.68
N ILE B 252 -13.35 22.91 8.98
CA ILE B 252 -13.32 21.45 9.01
C ILE B 252 -13.06 20.95 10.43
N MET B 253 -12.07 21.55 11.11
CA MET B 253 -11.78 21.16 12.48
C MET B 253 -12.95 21.45 13.40
N LYS B 254 -13.60 22.60 13.24
CA LYS B 254 -14.75 22.93 14.09
C LYS B 254 -15.88 21.95 13.88
N SER B 255 -16.14 21.58 12.61
CA SER B 255 -17.17 20.58 12.33
C SER B 255 -16.81 19.24 12.93
N MET B 256 -15.53 18.88 12.90
CA MET B 256 -15.09 17.61 13.48
C MET B 256 -15.30 17.60 15.00
N ARG B 257 -14.95 18.71 15.66
CA ARG B 257 -15.18 18.82 17.09
C ARG B 257 -16.66 18.79 17.42
N ASN B 258 -17.49 19.43 16.59
CA ASN B 258 -18.94 19.36 16.78
C ASN B 258 -19.45 17.93 16.62
N LEU B 259 -18.91 17.20 15.64
CA LEU B 259 -19.28 15.80 15.47
C LEU B 259 -18.94 15.00 16.71
N VAL B 260 -17.76 15.23 17.29
CA VAL B 260 -17.39 14.52 18.50
C VAL B 260 -18.30 14.90 19.67
N LYS B 261 -18.63 16.19 19.78
CA LYS B 261 -19.43 16.64 20.92
C LYS B 261 -20.88 16.20 20.82
N LYS B 262 -21.38 15.96 19.61
CA LYS B 262 -22.76 15.51 19.42
C LYS B 262 -22.90 13.99 19.48
N TYR B 263 -21.80 13.26 19.50
CA TYR B 263 -21.86 11.80 19.54
C TYR B 263 -22.42 11.33 20.88
N GLU B 264 -23.28 10.32 20.83
CA GLU B 264 -23.89 9.76 22.02
C GLU B 264 -23.62 8.26 22.09
N PRO B 265 -23.09 7.76 23.21
CA PRO B 265 -22.85 6.33 23.33
C PRO B 265 -24.16 5.56 23.35
N PRO B 266 -24.17 4.33 22.83
CA PRO B 266 -25.36 3.49 22.95
C PRO B 266 -25.69 3.20 24.40
N ARG B 267 -26.98 3.11 24.70
CA ARG B 267 -27.47 2.86 26.04
C ARG B 267 -27.77 1.38 26.24
N SER B 268 -27.43 0.86 27.43
CA SER B 268 -27.45 -0.57 27.66
C SER B 268 -28.85 -1.16 27.50
N GLU B 269 -29.87 -0.50 28.06
CA GLU B 269 -31.23 -0.99 27.88
C GLU B 269 -31.63 -0.93 26.41
N GLU B 270 -31.28 0.15 25.73
CA GLU B 270 -31.59 0.29 24.31
C GLU B 270 -30.91 -0.82 23.51
N VAL B 271 -29.63 -1.07 23.78
CA VAL B 271 -28.93 -2.09 23.00
C VAL B 271 -29.47 -3.48 23.32
N ALA B 272 -29.91 -3.72 24.56
CA ALA B 272 -30.52 -5.01 24.88
C ALA B 272 -31.80 -5.23 24.09
N VAL B 273 -32.69 -4.22 24.09
CA VAL B 273 -33.94 -4.34 23.35
C VAL B 273 -33.65 -4.51 21.86
N LEU B 274 -32.74 -3.72 21.32
CA LEU B 274 -32.42 -3.80 19.89
C LEU B 274 -31.74 -5.12 19.54
N LYS B 275 -30.94 -5.68 20.44
CA LYS B 275 -30.34 -6.99 20.20
C LYS B 275 -31.40 -8.07 20.17
N GLN B 276 -32.39 -7.98 21.06
CA GLN B 276 -33.51 -8.91 21.00
C GLN B 276 -34.24 -8.80 19.66
N LYS B 277 -34.49 -7.57 19.22
CA LYS B 277 -35.17 -7.36 17.94
C LYS B 277 -34.33 -7.90 16.77
N LEU B 278 -33.02 -7.69 16.81
CA LEU B 278 -32.13 -8.17 15.76
C LEU B 278 -32.09 -9.69 15.71
N GLU B 279 -32.04 -10.33 16.87
CA GLU B 279 -32.09 -11.79 16.92
C GLU B 279 -33.41 -12.31 16.40
N ARG B 280 -34.52 -11.61 16.71
CA ARG B 280 -35.80 -12.00 16.13
C ARG B 280 -35.79 -11.85 14.62
N CYS B 281 -35.18 -10.77 14.11
CA CYS B 281 -35.11 -10.56 12.67
C CYS B 281 -34.32 -11.68 11.99
N HIS B 282 -33.21 -12.08 12.59
CA HIS B 282 -32.39 -13.13 11.97
C HIS B 282 -33.03 -14.51 12.10
N SER B 283 -33.67 -14.80 13.23
CA SER B 283 -34.40 -16.05 13.37
C SER B 283 -35.54 -16.13 12.36
N ALA B 284 -36.31 -15.06 12.23
CA ALA B 284 -37.34 -14.98 11.20
C ALA B 284 -36.68 -14.78 9.83
N GLU B 285 -37.51 -14.72 8.80
CA GLU B 285 -37.06 -14.54 7.42
C GLU B 285 -36.03 -15.59 7.01
N LYS C 13 -19.45 -13.86 -14.97
CA LYS C 13 -20.29 -12.67 -14.91
C LYS C 13 -20.57 -12.13 -16.30
N ARG C 14 -19.85 -11.08 -16.69
CA ARG C 14 -20.01 -10.44 -17.98
C ARG C 14 -18.86 -10.75 -18.93
N TYR C 15 -18.10 -11.81 -18.68
CA TYR C 15 -16.89 -12.13 -19.43
C TYR C 15 -17.05 -13.47 -20.11
N GLU C 16 -16.95 -13.47 -21.44
CA GLU C 16 -16.99 -14.69 -22.23
C GLU C 16 -15.57 -15.21 -22.41
N LYS C 17 -15.30 -16.41 -21.90
CA LYS C 17 -13.98 -16.99 -22.01
C LYS C 17 -13.65 -17.27 -23.48
N LEU C 18 -12.42 -16.91 -23.87
CA LEU C 18 -12.00 -17.04 -25.26
C LEU C 18 -10.87 -18.06 -25.43
N ASP C 19 -9.81 -17.95 -24.62
CA ASP C 19 -8.65 -18.81 -24.78
C ASP C 19 -8.05 -19.11 -23.41
N PHE C 20 -7.29 -20.19 -23.34
CA PHE C 20 -6.50 -20.52 -22.17
C PHE C 20 -5.09 -19.98 -22.36
N LEU C 21 -4.69 -19.03 -21.52
CA LEU C 21 -3.41 -18.35 -21.68
C LEU C 21 -2.26 -19.14 -21.05
N GLY C 22 -2.36 -19.44 -19.77
CA GLY C 22 -1.32 -20.17 -19.09
C GLY C 22 -1.77 -20.62 -17.72
N GLU C 23 -1.02 -21.57 -17.17
CA GLU C 23 -1.29 -22.14 -15.85
C GLU C 23 0.01 -22.20 -15.07
N GLY C 24 -0.01 -21.66 -13.85
CA GLY C 24 1.12 -21.74 -12.95
C GLY C 24 0.75 -22.46 -11.66
N GLN C 25 1.74 -22.54 -10.77
CA GLN C 25 1.49 -23.14 -9.46
C GLN C 25 0.46 -22.34 -8.67
N PHE C 26 0.37 -21.03 -8.94
CA PHE C 26 -0.39 -20.12 -8.10
C PHE C 26 -1.75 -19.74 -8.67
N ALA C 27 -1.90 -19.71 -9.99
CA ALA C 27 -3.14 -19.24 -10.60
C ALA C 27 -3.19 -19.72 -12.04
N THR C 28 -4.39 -19.62 -12.63
CA THR C 28 -4.60 -19.94 -14.04
C THR C 28 -5.19 -18.73 -14.75
N VAL C 29 -4.70 -18.45 -15.96
CA VAL C 29 -5.03 -17.20 -16.66
C VAL C 29 -5.75 -17.55 -17.96
N TYR C 30 -6.84 -16.84 -18.21
CA TYR C 30 -7.64 -17.01 -19.43
C TYR C 30 -7.81 -15.68 -20.14
N LYS C 31 -7.73 -15.73 -21.47
CA LYS C 31 -8.15 -14.61 -22.30
C LYS C 31 -9.66 -14.64 -22.41
N ALA C 32 -10.32 -13.58 -21.95
CA ALA C 32 -11.78 -13.50 -21.96
C ALA C 32 -12.22 -12.15 -22.50
N ARG C 33 -13.49 -12.08 -22.89
CA ARG C 33 -14.06 -10.82 -23.35
C ARG C 33 -15.13 -10.32 -22.38
N ILE C 40 -11.24 -6.89 -24.48
CA ILE C 40 -10.44 -8.09 -24.27
C ILE C 40 -9.61 -7.96 -23.01
N VAL C 41 -9.80 -8.88 -22.07
CA VAL C 41 -9.16 -8.85 -20.78
C VAL C 41 -8.55 -10.21 -20.47
N ALA C 42 -7.75 -10.25 -19.42
CA ALA C 42 -7.15 -11.48 -18.91
C ALA C 42 -7.64 -11.71 -17.49
N ILE C 43 -8.17 -12.91 -17.24
CA ILE C 43 -8.75 -13.26 -15.95
C ILE C 43 -7.83 -14.26 -15.27
N LYS C 44 -7.45 -13.96 -14.03
CA LYS C 44 -6.54 -14.78 -13.25
C LYS C 44 -7.29 -15.39 -12.08
N LYS C 45 -7.27 -16.72 -11.99
CA LYS C 45 -7.93 -17.46 -10.94
C LYS C 45 -6.90 -18.03 -9.98
N LYS C 55 -8.84 -23.76 4.96
CA LYS C 55 -9.54 -22.88 5.90
C LYS C 55 -8.85 -21.53 6.02
N ASP C 56 -8.04 -21.19 5.02
CA ASP C 56 -7.36 -19.90 4.99
C ASP C 56 -8.18 -18.79 4.36
N GLY C 57 -9.35 -19.10 3.79
CA GLY C 57 -10.15 -18.07 3.16
C GLY C 57 -9.59 -17.67 1.81
N ILE C 58 -9.90 -16.43 1.41
CA ILE C 58 -9.42 -15.91 0.14
C ILE C 58 -7.89 -15.82 0.18
N ASN C 59 -7.26 -16.23 -0.92
CA ASN C 59 -5.81 -16.39 -0.95
C ASN C 59 -5.13 -15.04 -0.78
N ARG C 60 -4.01 -15.03 -0.06
CA ARG C 60 -3.37 -13.77 0.33
C ARG C 60 -2.72 -13.07 -0.85
N THR C 61 -2.21 -13.80 -1.84
CA THR C 61 -1.59 -13.17 -2.99
C THR C 61 -2.61 -12.41 -3.83
N ALA C 62 -3.79 -13.00 -4.05
CA ALA C 62 -4.84 -12.31 -4.77
C ALA C 62 -5.28 -11.06 -4.02
N LEU C 63 -5.41 -11.15 -2.70
CA LEU C 63 -5.75 -9.98 -1.90
C LEU C 63 -4.68 -8.90 -2.01
N ARG C 64 -3.40 -9.31 -2.00
CA ARG C 64 -2.30 -8.36 -2.16
C ARG C 64 -2.43 -7.63 -3.49
N GLU C 65 -2.65 -8.38 -4.57
CA GLU C 65 -2.78 -7.77 -5.88
C GLU C 65 -3.98 -6.81 -5.93
N ILE C 66 -5.12 -7.23 -5.36
CA ILE C 66 -6.31 -6.39 -5.36
C ILE C 66 -6.04 -5.10 -4.60
N LYS C 67 -5.52 -5.22 -3.37
CA LYS C 67 -5.35 -4.06 -2.51
C LYS C 67 -4.32 -3.09 -3.07
N LEU C 68 -3.29 -3.59 -3.76
CA LEU C 68 -2.27 -2.68 -4.27
C LEU C 68 -2.67 -2.05 -5.59
N LEU C 69 -3.23 -2.84 -6.51
CA LEU C 69 -3.54 -2.30 -7.83
C LEU C 69 -4.77 -1.40 -7.84
N GLN C 70 -5.60 -1.46 -6.80
CA GLN C 70 -6.74 -0.53 -6.72
C GLN C 70 -6.31 0.88 -6.36
N GLU C 71 -5.16 1.04 -5.70
CA GLU C 71 -4.66 2.34 -5.29
C GLU C 71 -3.63 2.93 -6.24
N LEU C 72 -3.34 2.26 -7.35
CA LEU C 72 -2.32 2.69 -8.29
C LEU C 72 -2.93 2.87 -9.68
N SER C 73 -2.48 3.90 -10.39
CA SER C 73 -2.97 4.17 -11.73
C SER C 73 -1.84 4.84 -12.51
N HIS C 74 -1.23 4.10 -13.43
CA HIS C 74 -0.11 4.61 -14.22
C HIS C 74 -0.05 3.81 -15.51
N PRO C 75 0.30 4.43 -16.64
CA PRO C 75 0.34 3.68 -17.90
C PRO C 75 1.32 2.52 -17.93
N ASN C 76 2.35 2.54 -17.09
CA ASN C 76 3.34 1.48 -17.03
C ASN C 76 3.16 0.56 -15.84
N ILE C 77 1.96 0.50 -15.28
CA ILE C 77 1.58 -0.46 -14.25
C ILE C 77 0.30 -1.15 -14.71
N ILE C 78 0.27 -2.47 -14.59
CA ILE C 78 -0.91 -3.21 -15.04
C ILE C 78 -2.13 -2.76 -14.25
N GLY C 79 -3.24 -2.59 -14.96
CA GLY C 79 -4.47 -2.09 -14.36
C GLY C 79 -5.40 -3.22 -13.96
N LEU C 80 -5.89 -3.14 -12.72
CA LEU C 80 -6.89 -4.08 -12.23
C LEU C 80 -8.27 -3.54 -12.61
N LEU C 81 -8.89 -4.16 -13.61
CA LEU C 81 -10.16 -3.65 -14.13
C LEU C 81 -11.36 -4.13 -13.32
N ASP C 82 -11.30 -5.32 -12.75
CA ASP C 82 -12.43 -5.89 -12.02
C ASP C 82 -11.95 -7.11 -11.25
N ALA C 83 -12.78 -7.55 -10.30
CA ALA C 83 -12.55 -8.77 -9.56
C ALA C 83 -13.88 -9.29 -9.03
N PHE C 84 -14.02 -10.61 -8.99
CA PHE C 84 -15.20 -11.25 -8.40
C PHE C 84 -14.82 -12.68 -8.03
N GLY C 85 -15.84 -13.48 -7.74
CA GLY C 85 -15.63 -14.88 -7.41
C GLY C 85 -16.83 -15.44 -6.69
N HIS C 86 -16.62 -16.60 -6.08
CA HIS C 86 -17.64 -17.23 -5.25
C HIS C 86 -16.95 -18.03 -4.16
N LYS C 87 -17.53 -18.03 -2.97
CA LYS C 87 -17.02 -18.75 -1.80
C LYS C 87 -15.61 -18.23 -1.50
N SER C 88 -14.59 -19.08 -1.39
CA SER C 88 -13.25 -18.66 -1.06
C SER C 88 -12.36 -18.46 -2.29
N ASN C 89 -12.85 -18.79 -3.48
CA ASN C 89 -12.08 -18.56 -4.69
C ASN C 89 -12.40 -17.19 -5.27
N ILE C 90 -11.44 -16.63 -6.01
CA ILE C 90 -11.54 -15.26 -6.50
C ILE C 90 -10.81 -15.17 -7.83
N SER C 91 -11.34 -14.33 -8.72
CA SER C 91 -10.73 -14.06 -10.01
C SER C 91 -10.47 -12.57 -10.14
N LEU C 92 -9.33 -12.22 -10.74
CA LEU C 92 -8.94 -10.84 -10.95
C LEU C 92 -8.90 -10.56 -12.44
N VAL C 93 -9.45 -9.41 -12.85
CA VAL C 93 -9.50 -9.03 -14.25
C VAL C 93 -8.44 -7.97 -14.51
N PHE C 94 -7.64 -8.17 -15.55
CA PHE C 94 -6.58 -7.25 -15.94
C PHE C 94 -6.69 -6.95 -17.43
N ASP C 95 -6.00 -5.90 -17.86
CA ASP C 95 -5.80 -5.68 -19.28
C ASP C 95 -5.04 -6.86 -19.89
N PHE C 96 -5.42 -7.25 -21.10
CA PHE C 96 -4.76 -8.35 -21.77
C PHE C 96 -3.44 -7.88 -22.39
N MET C 97 -2.39 -8.67 -22.19
CA MET C 97 -1.06 -8.34 -22.67
C MET C 97 -0.62 -9.28 -23.78
N GLU C 98 0.01 -8.71 -24.80
CA GLU C 98 0.43 -9.50 -25.96
C GLU C 98 1.64 -10.37 -25.63
N THR C 99 2.65 -9.82 -24.95
CA THR C 99 3.89 -10.54 -24.71
C THR C 99 4.53 -9.99 -23.43
N ASP C 100 5.74 -10.48 -23.13
CA ASP C 100 6.52 -9.98 -22.01
C ASP C 100 7.97 -9.85 -22.44
N LEU C 101 8.77 -9.24 -21.57
CA LEU C 101 10.18 -9.00 -21.91
C LEU C 101 10.96 -10.31 -22.01
N GLU C 102 10.55 -11.36 -21.27
CA GLU C 102 11.25 -12.63 -21.35
C GLU C 102 11.16 -13.23 -22.75
N VAL C 103 9.98 -13.18 -23.36
CA VAL C 103 9.82 -13.67 -24.72
C VAL C 103 10.66 -12.85 -25.69
N ILE C 104 10.73 -11.54 -25.47
CA ILE C 104 11.56 -10.68 -26.31
C ILE C 104 13.02 -11.08 -26.22
N ILE C 105 13.52 -11.26 -24.99
CA ILE C 105 14.93 -11.58 -24.77
C ILE C 105 15.26 -12.95 -25.37
N LYS C 106 14.42 -13.95 -25.09
CA LYS C 106 14.70 -15.30 -25.54
C LYS C 106 14.43 -15.51 -27.03
N ASP C 107 13.82 -14.55 -27.71
CA ASP C 107 13.58 -14.66 -29.15
C ASP C 107 14.84 -14.22 -29.89
N ASN C 108 15.54 -15.18 -30.49
CA ASN C 108 16.78 -14.87 -31.21
C ASN C 108 16.51 -14.06 -32.48
N SER C 109 15.35 -14.23 -33.09
CA SER C 109 15.04 -13.51 -34.32
C SER C 109 14.92 -12.01 -34.05
N LEU C 110 14.46 -11.63 -32.87
CA LEU C 110 14.33 -10.22 -32.52
C LEU C 110 15.70 -9.61 -32.28
N VAL C 111 15.95 -8.46 -32.90
CA VAL C 111 17.19 -7.71 -32.71
C VAL C 111 16.90 -6.55 -31.77
N LEU C 112 17.63 -6.49 -30.66
CA LEU C 112 17.42 -5.46 -29.64
C LEU C 112 18.40 -4.32 -29.89
N THR C 113 17.93 -3.28 -30.57
CA THR C 113 18.73 -2.10 -30.79
C THR C 113 18.86 -1.31 -29.48
N PRO C 114 19.86 -0.43 -29.39
CA PRO C 114 19.95 0.42 -28.19
C PRO C 114 18.70 1.27 -27.97
N SER C 115 18.02 1.68 -29.04
CA SER C 115 16.77 2.42 -28.89
C SER C 115 15.69 1.56 -28.23
N HIS C 116 15.56 0.30 -28.65
CA HIS C 116 14.58 -0.59 -28.04
C HIS C 116 14.89 -0.83 -26.58
N ILE C 117 16.17 -1.07 -26.27
CA ILE C 117 16.58 -1.31 -24.88
C ILE C 117 16.28 -0.08 -24.04
N LYS C 118 16.61 1.11 -24.56
CA LYS C 118 16.33 2.34 -23.83
C LYS C 118 14.83 2.53 -23.62
N ALA C 119 14.01 2.19 -24.62
CA ALA C 119 12.57 2.32 -24.48
C ALA C 119 12.05 1.40 -23.37
N TYR C 120 12.47 0.13 -23.39
CA TYR C 120 12.04 -0.80 -22.35
C TYR C 120 12.48 -0.32 -20.97
N MET C 121 13.74 0.12 -20.86
CA MET C 121 14.27 0.59 -19.59
C MET C 121 13.53 1.84 -19.11
N LEU C 122 13.23 2.75 -20.04
CA LEU C 122 12.52 3.98 -19.69
C LEU C 122 11.13 3.67 -19.17
N MET C 123 10.40 2.81 -19.86
CA MET C 123 9.05 2.47 -19.42
C MET C 123 9.07 1.74 -18.08
N THR C 124 9.99 0.79 -17.91
CA THR C 124 10.13 0.10 -16.64
C THR C 124 10.45 1.07 -15.51
N LEU C 125 11.36 2.01 -15.76
CA LEU C 125 11.77 2.94 -14.72
C LEU C 125 10.68 3.96 -14.41
N GLN C 126 9.90 4.37 -15.41
CA GLN C 126 8.78 5.27 -15.13
C GLN C 126 7.73 4.57 -14.26
N GLY C 127 7.39 3.33 -14.60
CA GLY C 127 6.49 2.57 -13.76
C GLY C 127 7.04 2.39 -12.35
N LEU C 128 8.34 2.09 -12.24
CA LEU C 128 8.95 1.90 -10.93
C LEU C 128 9.03 3.20 -10.14
N GLU C 129 9.24 4.33 -10.81
CA GLU C 129 9.24 5.62 -10.14
C GLU C 129 7.87 5.93 -9.57
N TYR C 130 6.82 5.69 -10.36
CA TYR C 130 5.46 5.86 -9.84
C TYR C 130 5.21 4.93 -8.67
N LEU C 131 5.65 3.67 -8.78
CA LEU C 131 5.44 2.70 -7.71
C LEU C 131 6.15 3.11 -6.43
N HIS C 132 7.44 3.46 -6.53
CA HIS C 132 8.21 3.85 -5.35
C HIS C 132 7.69 5.14 -4.72
N GLN C 133 7.25 6.08 -5.56
CA GLN C 133 6.69 7.33 -5.05
C GLN C 133 5.49 7.07 -4.16
N HIS C 134 4.75 5.99 -4.42
CA HIS C 134 3.64 5.57 -3.56
C HIS C 134 4.06 4.52 -2.56
N TRP C 135 5.37 4.38 -2.32
CA TRP C 135 5.91 3.60 -1.21
C TRP C 135 5.53 2.12 -1.31
N ILE C 136 5.71 1.56 -2.51
CA ILE C 136 5.46 0.15 -2.75
C ILE C 136 6.65 -0.43 -3.52
N LEU C 137 7.19 -1.54 -3.02
CA LEU C 137 8.24 -2.29 -3.69
C LEU C 137 7.62 -3.45 -4.46
N HIS C 138 8.04 -3.64 -5.72
CA HIS C 138 7.52 -4.75 -6.50
C HIS C 138 8.03 -6.08 -5.97
N ARG C 139 9.34 -6.19 -5.74
CA ARG C 139 10.01 -7.36 -5.15
C ARG C 139 9.89 -8.61 -6.01
N ASP C 140 9.43 -8.51 -7.25
CA ASP C 140 9.40 -9.65 -8.14
C ASP C 140 9.77 -9.27 -9.56
N LEU C 141 10.63 -8.26 -9.72
CA LEU C 141 10.97 -7.77 -11.04
C LEU C 141 11.80 -8.80 -11.80
N LYS C 142 11.37 -9.10 -13.02
CA LYS C 142 12.07 -10.00 -13.92
C LYS C 142 11.45 -9.84 -15.31
N PRO C 143 12.13 -10.31 -16.37
CA PRO C 143 11.60 -10.08 -17.72
C PRO C 143 10.19 -10.61 -17.94
N ASN C 144 9.82 -11.73 -17.33
CA ASN C 144 8.48 -12.26 -17.54
C ASN C 144 7.40 -11.53 -16.74
N ASN C 145 7.79 -10.70 -15.77
CA ASN C 145 6.84 -9.86 -15.04
C ASN C 145 6.74 -8.46 -15.62
N LEU C 146 7.41 -8.18 -16.73
CA LEU C 146 7.32 -6.92 -17.44
C LEU C 146 6.52 -7.18 -18.72
N LEU C 147 5.22 -6.92 -18.66
CA LEU C 147 4.34 -7.32 -19.75
C LEU C 147 4.22 -6.21 -20.79
N LEU C 148 4.02 -6.60 -22.04
CA LEU C 148 3.87 -5.68 -23.15
C LEU C 148 2.53 -5.92 -23.83
N ASP C 149 1.84 -4.84 -24.20
CA ASP C 149 0.61 -4.93 -24.95
C ASP C 149 0.87 -4.67 -26.43
N GLU C 150 -0.20 -4.68 -27.22
CA GLU C 150 -0.05 -4.55 -28.67
C GLU C 150 0.33 -3.14 -29.09
N ASN C 151 0.30 -2.16 -28.19
CA ASN C 151 0.79 -0.82 -28.48
C ASN C 151 2.20 -0.60 -27.96
N GLY C 152 2.87 -1.65 -27.49
CA GLY C 152 4.22 -1.51 -27.00
C GLY C 152 4.37 -0.78 -25.68
N VAL C 153 3.33 -0.77 -24.87
CA VAL C 153 3.37 -0.13 -23.55
C VAL C 153 3.74 -1.19 -22.52
N LEU C 154 4.92 -1.04 -21.92
CA LEU C 154 5.35 -1.96 -20.89
C LEU C 154 4.70 -1.63 -19.57
N LYS C 155 4.26 -2.66 -18.85
CA LYS C 155 3.63 -2.50 -17.54
C LYS C 155 4.20 -3.53 -16.58
N LEU C 156 4.44 -3.09 -15.34
CA LEU C 156 4.79 -4.00 -14.27
C LEU C 156 3.58 -4.84 -13.90
N ALA C 157 3.77 -6.14 -13.77
CA ALA C 157 2.68 -7.06 -13.44
C ALA C 157 3.13 -7.99 -12.32
N ASP C 158 2.23 -8.88 -11.93
CA ASP C 158 2.47 -9.89 -10.89
C ASP C 158 2.87 -9.23 -9.57
N PHE C 159 1.93 -8.47 -9.03
CA PHE C 159 2.13 -7.78 -7.75
C PHE C 159 1.86 -8.69 -6.55
N GLY C 160 1.92 -10.01 -6.74
CA GLY C 160 1.68 -10.93 -5.64
C GLY C 160 2.75 -10.90 -4.57
N LEU C 161 3.93 -10.36 -4.87
CA LEU C 161 4.99 -10.21 -3.89
C LEU C 161 5.23 -8.77 -3.49
N ALA C 162 4.50 -7.81 -4.09
CA ALA C 162 4.71 -6.41 -3.80
C ALA C 162 4.29 -6.07 -2.37
N LYS C 163 4.99 -5.10 -1.78
CA LYS C 163 4.74 -4.72 -0.41
C LYS C 163 5.11 -3.26 -0.20
N SER C 164 4.41 -2.62 0.74
CA SER C 164 4.74 -1.25 1.10
C SER C 164 6.07 -1.19 1.85
N PHE C 165 6.79 -0.10 1.66
CA PHE C 165 8.06 0.12 2.35
C PHE C 165 8.08 1.53 2.93
N GLY C 166 9.06 1.77 3.80
CA GLY C 166 9.14 3.01 4.54
C GLY C 166 8.65 2.94 5.97
N SER C 167 8.11 1.80 6.38
CA SER C 167 7.67 1.61 7.77
C SER C 167 8.80 0.99 8.59
N PRO C 168 9.18 1.61 9.71
CA PRO C 168 10.29 1.04 10.50
C PRO C 168 9.97 -0.32 11.09
N ASN C 169 8.81 -0.46 11.74
CA ASN C 169 8.50 -1.72 12.42
C ASN C 169 8.24 -2.86 11.44
N ARG C 170 7.83 -2.54 10.21
CA ARG C 170 7.49 -3.56 9.23
C ARG C 170 8.76 -4.23 8.72
N ALA C 171 8.97 -5.48 9.09
CA ALA C 171 10.14 -6.25 8.67
C ALA C 171 9.73 -7.30 7.65
N TYR C 172 10.47 -7.36 6.55
CA TYR C 172 10.17 -8.24 5.44
C TYR C 172 11.14 -9.42 5.42
N THR C 173 10.81 -10.41 4.60
CA THR C 173 11.68 -11.56 4.39
C THR C 173 12.67 -11.27 3.27
N HIS C 174 13.83 -11.92 3.34
CA HIS C 174 14.90 -11.73 2.38
C HIS C 174 14.82 -12.69 1.20
N GLN C 175 13.86 -13.61 1.20
CA GLN C 175 13.71 -14.59 0.13
C GLN C 175 12.88 -14.07 -1.03
N VAL C 176 12.69 -12.75 -1.12
CA VAL C 176 11.94 -12.18 -2.22
C VAL C 176 12.82 -12.05 -3.46
N VAL C 177 12.18 -11.83 -4.61
CA VAL C 177 12.82 -11.70 -5.91
C VAL C 177 13.40 -13.04 -6.35
N THR C 178 13.23 -13.36 -7.64
CA THR C 178 13.86 -14.54 -8.20
C THR C 178 15.37 -14.48 -8.01
N ARG C 179 15.98 -15.63 -7.71
CA ARG C 179 17.37 -15.67 -7.28
C ARG C 179 18.29 -14.98 -8.28
N TRP C 180 18.06 -15.19 -9.58
CA TRP C 180 18.93 -14.60 -10.59
C TRP C 180 18.90 -13.08 -10.55
N TYR C 181 17.80 -12.50 -10.09
CA TYR C 181 17.63 -11.06 -10.02
C TYR C 181 17.67 -10.53 -8.59
N ARG C 182 17.98 -11.40 -7.63
CA ARG C 182 18.02 -11.00 -6.24
C ARG C 182 19.26 -10.14 -5.96
N ALA C 183 19.06 -9.07 -5.19
CA ALA C 183 20.14 -8.16 -4.83
C ALA C 183 21.05 -8.80 -3.78
N PRO C 184 22.33 -8.40 -3.75
CA PRO C 184 23.24 -9.00 -2.76
C PRO C 184 22.82 -8.77 -1.32
N GLU C 185 22.15 -7.65 -1.02
CA GLU C 185 21.66 -7.43 0.34
C GLU C 185 20.60 -8.46 0.71
N LEU C 186 19.72 -8.79 -0.24
CA LEU C 186 18.74 -9.85 0.01
C LEU C 186 19.42 -11.20 0.18
N LEU C 187 20.39 -11.51 -0.68
CA LEU C 187 21.13 -12.76 -0.56
C LEU C 187 21.92 -12.84 0.73
N PHE C 188 22.25 -11.69 1.33
CA PHE C 188 22.91 -11.66 2.63
C PHE C 188 21.91 -11.57 3.78
N GLY C 189 20.62 -11.73 3.50
CA GLY C 189 19.65 -11.82 4.56
C GLY C 189 19.13 -10.51 5.10
N ALA C 190 19.05 -9.47 4.27
CA ALA C 190 18.53 -8.19 4.71
C ALA C 190 17.02 -8.28 4.91
N ARG C 191 16.56 -7.98 6.12
CA ARG C 191 15.12 -7.88 6.39
C ARG C 191 14.58 -6.50 6.07
N MET C 192 15.36 -5.47 6.38
CA MET C 192 15.00 -4.08 6.09
C MET C 192 15.70 -3.66 4.81
N TYR C 193 14.92 -3.16 3.85
CA TYR C 193 15.49 -2.73 2.58
C TYR C 193 14.54 -1.72 1.94
N GLY C 194 14.98 -1.16 0.81
CA GLY C 194 14.26 -0.14 0.10
C GLY C 194 14.17 -0.45 -1.38
N VAL C 195 14.18 0.62 -2.18
CA VAL C 195 14.01 0.49 -3.63
C VAL C 195 15.15 -0.25 -4.30
N GLY C 196 16.29 -0.41 -3.62
CA GLY C 196 17.43 -1.08 -4.24
C GLY C 196 17.10 -2.49 -4.72
N VAL C 197 16.32 -3.23 -3.93
CA VAL C 197 15.95 -4.59 -4.30
C VAL C 197 15.20 -4.63 -5.61
N ASP C 198 14.56 -3.52 -5.99
CA ASP C 198 14.00 -3.43 -7.34
C ASP C 198 15.06 -2.97 -8.34
N MET C 199 15.82 -1.92 -7.97
CA MET C 199 16.78 -1.35 -8.91
C MET C 199 17.83 -2.39 -9.32
N TRP C 200 18.34 -3.15 -8.36
CA TRP C 200 19.26 -4.24 -8.71
C TRP C 200 18.62 -5.18 -9.72
N ALA C 201 17.38 -5.61 -9.44
CA ALA C 201 16.68 -6.44 -10.40
C ALA C 201 16.62 -5.74 -11.75
N VAL C 202 16.30 -4.44 -11.74
CA VAL C 202 16.28 -3.66 -12.98
C VAL C 202 17.62 -3.79 -13.69
N GLY C 203 18.71 -3.61 -12.94
CA GLY C 203 20.03 -3.77 -13.53
C GLY C 203 20.20 -5.13 -14.17
N CYS C 204 19.81 -6.18 -13.44
CA CYS C 204 19.89 -7.52 -14.01
C CYS C 204 19.07 -7.61 -15.29
N ILE C 205 17.85 -7.06 -15.27
CA ILE C 205 17.03 -7.05 -16.47
C ILE C 205 17.77 -6.34 -17.59
N LEU C 206 18.36 -5.17 -17.27
CA LEU C 206 19.13 -4.44 -18.27
C LEU C 206 20.25 -5.32 -18.81
N ALA C 207 20.96 -6.01 -17.93
CA ALA C 207 22.01 -6.90 -18.38
C ALA C 207 21.44 -8.00 -19.27
N GLU C 208 20.29 -8.56 -18.88
CA GLU C 208 19.68 -9.59 -19.70
C GLU C 208 19.22 -9.03 -21.04
N LEU C 209 18.93 -7.73 -21.09
CA LEU C 209 18.61 -7.09 -22.36
C LEU C 209 19.84 -6.96 -23.24
N LEU C 210 21.02 -6.76 -22.62
CA LEU C 210 22.23 -6.53 -23.40
C LEU C 210 22.88 -7.84 -23.83
N LEU C 211 22.84 -8.86 -22.98
CA LEU C 211 23.50 -10.12 -23.26
C LEU C 211 22.56 -11.19 -23.81
N ARG C 212 21.25 -10.96 -23.77
CA ARG C 212 20.22 -11.90 -24.22
C ARG C 212 20.22 -13.19 -23.41
N VAL C 213 20.96 -13.24 -22.31
CA VAL C 213 20.98 -14.38 -21.41
C VAL C 213 20.98 -13.86 -19.98
N PRO C 214 20.54 -14.68 -19.03
CA PRO C 214 20.56 -14.24 -17.63
C PRO C 214 21.96 -13.83 -17.21
N PHE C 215 22.04 -12.70 -16.50
CA PHE C 215 23.33 -12.13 -16.13
C PHE C 215 24.05 -13.00 -15.11
N LEU C 216 23.36 -13.39 -14.04
CA LEU C 216 23.95 -14.10 -12.90
C LEU C 216 23.10 -15.33 -12.61
N PRO C 217 23.19 -16.37 -13.44
CA PRO C 217 22.31 -17.55 -13.31
C PRO C 217 22.80 -18.54 -12.26
N GLY C 218 22.66 -18.16 -10.99
CA GLY C 218 23.01 -19.06 -9.92
C GLY C 218 22.00 -20.16 -9.72
N ASP C 219 22.45 -21.24 -9.09
CA ASP C 219 21.59 -22.35 -8.71
C ASP C 219 21.36 -22.43 -7.21
N SER C 220 21.96 -21.53 -6.44
CA SER C 220 21.76 -21.46 -5.00
C SER C 220 22.15 -20.06 -4.55
N ASP C 221 21.79 -19.72 -3.31
CA ASP C 221 22.12 -18.41 -2.77
C ASP C 221 23.63 -18.20 -2.73
N LEU C 222 24.37 -19.22 -2.27
CA LEU C 222 25.83 -19.15 -2.27
C LEU C 222 26.36 -19.01 -3.69
N ASP C 223 25.81 -19.79 -4.63
CA ASP C 223 26.24 -19.68 -6.02
C ASP C 223 25.88 -18.32 -6.61
N GLN C 224 24.73 -17.79 -6.25
CA GLN C 224 24.34 -16.45 -6.72
C GLN C 224 25.34 -15.39 -6.23
N LEU C 225 25.67 -15.43 -4.94
CA LEU C 225 26.64 -14.47 -4.41
C LEU C 225 28.01 -14.65 -5.06
N THR C 226 28.43 -15.90 -5.26
CA THR C 226 29.71 -16.16 -5.89
C THR C 226 29.75 -15.63 -7.31
N ARG C 227 28.68 -15.82 -8.08
CA ARG C 227 28.62 -15.29 -9.44
C ARG C 227 28.65 -13.76 -9.44
N ILE C 228 27.91 -13.15 -8.51
CA ILE C 228 27.89 -11.69 -8.44
C ILE C 228 29.29 -11.16 -8.15
N PHE C 229 29.99 -11.78 -7.20
CA PHE C 229 31.31 -11.28 -6.83
C PHE C 229 32.37 -11.62 -7.88
N GLU C 230 32.24 -12.75 -8.57
CA GLU C 230 33.18 -13.07 -9.63
C GLU C 230 32.99 -12.19 -10.86
N THR C 231 31.77 -11.68 -11.06
CA THR C 231 31.53 -10.80 -12.19
C THR C 231 31.83 -9.33 -11.87
N LEU C 232 31.34 -8.84 -10.73
CA LEU C 232 31.44 -7.42 -10.40
C LEU C 232 32.51 -7.13 -9.36
N GLY C 233 33.18 -8.13 -8.84
CA GLY C 233 34.18 -7.92 -7.81
C GLY C 233 33.61 -8.11 -6.42
N THR C 234 34.46 -8.58 -5.52
CA THR C 234 34.04 -8.76 -4.14
C THR C 234 33.95 -7.40 -3.46
N PRO C 235 32.82 -7.06 -2.86
CA PRO C 235 32.69 -5.73 -2.25
C PRO C 235 33.54 -5.60 -1.00
N THR C 236 33.96 -4.38 -0.72
CA THR C 236 34.75 -4.05 0.45
C THR C 236 33.96 -3.13 1.36
N GLU C 237 34.59 -2.73 2.47
CA GLU C 237 33.95 -1.81 3.39
C GLU C 237 33.70 -0.46 2.74
N GLU C 238 34.63 0.00 1.89
CA GLU C 238 34.44 1.26 1.19
C GLU C 238 33.20 1.21 0.29
N GLN C 239 33.06 0.13 -0.49
CA GLN C 239 31.91 0.00 -1.38
C GLN C 239 30.61 -0.22 -0.62
N TRP C 240 30.66 -0.76 0.59
CA TRP C 240 29.47 -1.19 1.30
C TRP C 240 29.77 -1.14 2.79
N PRO C 241 29.59 0.02 3.43
CA PRO C 241 30.12 0.22 4.78
C PRO C 241 29.64 -0.76 5.82
N ASP C 242 28.39 -1.20 5.75
CA ASP C 242 27.81 -2.06 6.77
C ASP C 242 27.58 -3.48 6.27
N MET C 243 28.37 -3.91 5.29
CA MET C 243 28.14 -5.20 4.62
C MET C 243 28.14 -6.35 5.61
N CYS C 244 29.16 -6.43 6.46
CA CYS C 244 29.29 -7.56 7.37
C CYS C 244 28.26 -7.55 8.49
N SER C 245 27.46 -6.49 8.63
CA SER C 245 26.42 -6.45 9.64
C SER C 245 25.19 -7.25 9.27
N LEU C 246 25.05 -7.65 8.01
CA LEU C 246 23.89 -8.44 7.59
C LEU C 246 23.98 -9.85 8.18
N PRO C 247 22.88 -10.38 8.74
CA PRO C 247 22.99 -11.63 9.52
C PRO C 247 23.43 -12.83 8.71
N ASP C 248 23.27 -12.81 7.38
CA ASP C 248 23.69 -13.93 6.53
C ASP C 248 24.91 -13.58 5.69
N TYR C 249 25.72 -12.63 6.14
CA TYR C 249 26.93 -12.27 5.42
C TYR C 249 27.91 -13.44 5.42
N VAL C 250 28.52 -13.70 4.26
CA VAL C 250 29.51 -14.75 4.09
C VAL C 250 30.79 -14.10 3.56
N THR C 251 31.92 -14.44 4.19
CA THR C 251 33.20 -14.01 3.66
C THR C 251 33.47 -14.69 2.33
N PHE C 252 34.08 -13.95 1.41
CA PHE C 252 34.30 -14.44 0.05
C PHE C 252 35.73 -14.16 -0.37
N LYS C 253 36.27 -15.05 -1.21
CA LYS C 253 37.58 -14.83 -1.79
C LYS C 253 37.58 -13.54 -2.60
N SER C 254 38.59 -12.71 -2.39
CA SER C 254 38.67 -11.41 -3.06
C SER C 254 38.68 -11.58 -4.57
N PHE C 255 37.61 -11.16 -5.23
CA PHE C 255 37.64 -11.24 -6.68
C PHE C 255 37.91 -9.87 -7.28
N PRO C 256 38.64 -9.79 -8.39
CA PRO C 256 38.89 -8.48 -9.00
C PRO C 256 37.68 -7.99 -9.77
N GLY C 257 36.85 -8.91 -10.25
CA GLY C 257 35.69 -8.55 -11.02
C GLY C 257 36.02 -8.20 -12.46
N ILE C 258 35.12 -8.51 -13.37
CA ILE C 258 35.34 -8.18 -14.78
C ILE C 258 34.92 -6.73 -15.01
N PRO C 259 35.77 -5.92 -15.64
CA PRO C 259 35.38 -4.52 -15.91
C PRO C 259 34.13 -4.46 -16.74
N LEU C 260 33.29 -3.45 -16.45
CA LEU C 260 31.96 -3.38 -17.05
C LEU C 260 32.03 -3.30 -18.57
N HIS C 261 33.01 -2.55 -19.10
CA HIS C 261 33.13 -2.45 -20.55
C HIS C 261 33.54 -3.77 -21.19
N HIS C 262 34.19 -4.67 -20.43
CA HIS C 262 34.49 -6.00 -20.96
C HIS C 262 33.24 -6.87 -21.00
N ILE C 263 32.41 -6.80 -19.96
CA ILE C 263 31.16 -7.56 -19.95
C ILE C 263 30.24 -7.08 -21.06
N PHE C 264 30.03 -5.77 -21.15
CA PHE C 264 29.16 -5.16 -22.15
C PHE C 264 30.04 -4.38 -23.11
N SER C 265 30.53 -5.08 -24.15
CA SER C 265 31.44 -4.46 -25.10
C SER C 265 30.74 -3.48 -26.02
N ALA C 266 29.43 -3.57 -26.18
CA ALA C 266 28.67 -2.69 -27.05
C ALA C 266 28.01 -1.53 -26.30
N ALA C 267 28.24 -1.42 -25.00
CA ALA C 267 27.60 -0.39 -24.18
C ALA C 267 28.42 0.88 -24.19
N GLY C 268 27.78 2.00 -24.52
CA GLY C 268 28.42 3.29 -24.46
C GLY C 268 28.71 3.72 -23.03
N ASP C 269 29.42 4.84 -22.90
CA ASP C 269 29.82 5.33 -21.59
C ASP C 269 28.62 5.65 -20.72
N ASP C 270 27.59 6.27 -21.29
CA ASP C 270 26.39 6.60 -20.52
C ASP C 270 25.68 5.34 -20.05
N LEU C 271 25.55 4.34 -20.92
CA LEU C 271 24.94 3.07 -20.53
C LEU C 271 25.77 2.38 -19.46
N LEU C 272 27.09 2.44 -19.56
CA LEU C 272 27.95 1.86 -18.54
C LEU C 272 27.78 2.58 -17.19
N ASP C 273 27.63 3.90 -17.23
CA ASP C 273 27.36 4.64 -15.99
C ASP C 273 26.04 4.21 -15.38
N LEU C 274 25.00 4.05 -16.22
CA LEU C 274 23.72 3.57 -15.72
C LEU C 274 23.86 2.19 -15.10
N ILE C 275 24.57 1.29 -15.77
CA ILE C 275 24.74 -0.07 -15.25
C ILE C 275 25.47 -0.05 -13.91
N GLN C 276 26.54 0.74 -13.83
CA GLN C 276 27.29 0.84 -12.58
C GLN C 276 26.42 1.38 -11.46
N GLY C 277 25.62 2.41 -11.74
CA GLY C 277 24.71 2.92 -10.74
C GLY C 277 23.69 1.88 -10.29
N LEU C 278 23.22 1.06 -11.23
CA LEU C 278 22.25 0.03 -10.88
C LEU C 278 22.86 -1.14 -10.14
N PHE C 279 24.18 -1.35 -10.27
CA PHE C 279 24.84 -2.51 -9.67
C PHE C 279 25.77 -2.12 -8.53
N LEU C 280 25.61 -0.92 -7.97
CA LEU C 280 26.38 -0.55 -6.79
C LEU C 280 26.00 -1.46 -5.63
N PHE C 281 27.02 -1.97 -4.94
CA PHE C 281 26.77 -2.92 -3.85
C PHE C 281 26.05 -2.26 -2.69
N ASN C 282 26.37 -1.01 -2.40
CA ASN C 282 25.67 -0.29 -1.34
C ASN C 282 24.25 0.03 -1.80
N PRO C 283 23.21 -0.52 -1.17
CA PRO C 283 21.84 -0.23 -1.64
C PRO C 283 21.48 1.23 -1.54
N CYS C 284 21.97 1.95 -0.52
CA CYS C 284 21.70 3.37 -0.43
C CYS C 284 22.35 4.13 -1.58
N ALA C 285 23.59 3.78 -1.92
CA ALA C 285 24.27 4.42 -3.04
C ALA C 285 23.70 4.01 -4.38
N ARG C 286 23.07 2.84 -4.45
CA ARG C 286 22.45 2.41 -5.70
C ARG C 286 21.43 3.44 -6.17
N ILE C 287 21.46 3.73 -7.47
CA ILE C 287 20.63 4.80 -8.01
C ILE C 287 19.16 4.43 -7.89
N THR C 288 18.34 5.42 -7.55
CA THR C 288 16.89 5.22 -7.51
C THR C 288 16.31 5.34 -8.91
N ALA C 289 15.00 5.08 -9.01
CA ALA C 289 14.33 5.17 -10.31
C ALA C 289 14.39 6.60 -10.85
N THR C 290 14.14 7.59 -9.99
CA THR C 290 14.18 8.98 -10.43
C THR C 290 15.59 9.38 -10.89
N GLN C 291 16.60 9.02 -10.09
CA GLN C 291 17.98 9.34 -10.47
C GLN C 291 18.37 8.63 -11.77
N ALA C 292 17.95 7.38 -11.93
CA ALA C 292 18.22 6.68 -13.18
C ALA C 292 17.56 7.37 -14.35
N LEU C 293 16.32 7.83 -14.18
CA LEU C 293 15.63 8.54 -15.25
C LEU C 293 16.32 9.85 -15.60
N LYS C 294 16.98 10.48 -14.63
CA LYS C 294 17.67 11.73 -14.86
C LYS C 294 19.05 11.55 -15.50
N MET C 295 19.53 10.32 -15.64
CA MET C 295 20.86 10.08 -16.17
C MET C 295 20.95 10.47 -17.64
N LYS C 296 22.18 10.76 -18.07
CA LYS C 296 22.41 11.21 -19.44
C LYS C 296 22.03 10.14 -20.46
N TYR C 297 22.06 8.87 -20.07
CA TYR C 297 21.77 7.79 -21.00
C TYR C 297 20.39 7.94 -21.64
N PHE C 298 19.39 8.31 -20.82
CA PHE C 298 18.03 8.41 -21.33
C PHE C 298 17.81 9.68 -22.14
N SER C 299 18.51 10.76 -21.80
CA SER C 299 18.38 12.00 -22.55
C SER C 299 19.34 12.10 -23.74
N ASN C 300 20.26 11.16 -23.88
CA ASN C 300 21.19 11.18 -24.99
C ASN C 300 20.57 10.56 -26.24
N ARG C 301 21.18 10.84 -27.38
CA ARG C 301 20.80 10.17 -28.61
C ARG C 301 21.34 8.74 -28.62
N PRO C 302 20.61 7.80 -29.25
CA PRO C 302 19.32 7.97 -29.91
C PRO C 302 18.17 7.98 -28.90
N GLY C 303 17.02 8.52 -29.26
CA GLY C 303 15.88 8.53 -28.37
C GLY C 303 15.26 7.16 -28.24
N PRO C 304 14.48 6.94 -27.19
CA PRO C 304 13.81 5.65 -27.01
C PRO C 304 12.87 5.37 -28.17
N THR C 305 12.84 4.11 -28.60
CA THR C 305 11.96 3.72 -29.69
C THR C 305 10.51 3.90 -29.26
N PRO C 306 9.66 4.49 -30.11
CA PRO C 306 8.24 4.65 -29.74
C PRO C 306 7.57 3.30 -29.50
N GLY C 307 6.58 3.30 -28.61
CA GLY C 307 5.96 2.05 -28.21
C GLY C 307 5.39 1.26 -29.37
N CYS C 308 4.79 1.95 -30.34
CA CYS C 308 4.24 1.28 -31.51
C CYS C 308 5.33 0.65 -32.39
N GLN C 309 6.57 1.11 -32.26
CA GLN C 309 7.66 0.59 -33.06
C GLN C 309 8.52 -0.44 -32.34
N LEU C 310 8.17 -0.77 -31.09
CA LEU C 310 8.92 -1.79 -30.37
C LEU C 310 8.69 -3.16 -31.01
N PRO C 311 9.69 -4.04 -30.98
CA PRO C 311 9.54 -5.34 -31.63
C PRO C 311 8.53 -6.22 -30.92
N ARG C 312 7.86 -7.06 -31.71
CA ARG C 312 6.90 -8.02 -31.19
C ARG C 312 7.25 -9.42 -31.69
N PRO C 313 7.17 -10.43 -30.82
CA PRO C 313 7.49 -11.82 -31.17
C PRO C 313 6.29 -12.58 -31.72
O1 I73 D . 3.03 -16.11 -17.73
O1 I73 D . 2.22 -18.65 -17.70
C42 I73 D . 2.83 -14.93 -16.96
C42 I73 D . 2.43 -18.28 -19.05
C43 I73 D . 4.16 -14.49 -16.34
C43 I73 D . 3.90 -18.53 -19.42
N44 I73 D . 4.01 -13.31 -15.46
N44 I73 D . 4.24 -18.00 -20.76
C45 I73 D . 2.95 -13.52 -14.41
C45 I73 D . 3.88 -16.55 -20.90
C46 I73 D . 1.62 -14.02 -15.01
C46 I73 D . 2.41 -16.28 -20.54
C41 I73 D . 1.82 -15.21 -15.87
C41 I73 D . 2.05 -16.82 -19.21
C40 I73 D . 0.42 -15.63 -16.52
C40 I73 D . 0.47 -16.69 -19.02
N18 I73 D . 0.40 -15.44 -17.98
N18 I73 D . 0.15 -15.61 -18.08
C5 I73 D . -0.24 -14.22 -18.54
C5 I73 D . -0.40 -14.34 -18.60
C4 I73 D . -0.40 -14.08 -19.92
C4 I73 D . -0.52 -14.13 -19.97
C3 I73 D . -0.99 -12.96 -20.42
C3 I73 D . -1.04 -12.96 -20.44
N2 I73 D . -1.43 -11.95 -19.54
N2 I73 D . -1.42 -11.97 -19.54
N1 I73 D . -2.06 -10.71 -19.80
N1 I73 D . -1.96 -10.68 -19.78
C9 I73 D . -2.30 -10.09 -18.59
C9 I73 D . -2.18 -10.08 -18.55
C8 I73 D . -1.81 -10.94 -17.59
C8 I73 D . -1.77 -10.99 -17.57
C26 I73 D . -1.83 -10.71 -16.07
C26 I73 D . -1.81 -10.78 -16.04
C28 I73 D . -1.76 -9.19 -15.72
C28 I73 D . -1.69 -9.28 -15.67
C27 I73 D . -3.08 -11.41 -15.42
C27 I73 D . -3.09 -11.44 -15.43
C7 I73 D . -1.28 -12.10 -18.23
C7 I73 D . -1.30 -12.16 -18.23
N6 I73 D . -0.67 -13.26 -17.70
N6 I73 D . -0.78 -13.37 -17.74
N10 I73 D . -1.15 -12.78 -21.92
N10 I73 D . -1.16 -12.73 -21.93
C11 I73 D . -0.54 -13.72 -22.85
C11 I73 D . -0.57 -13.69 -22.87
C12 I73 D . 1.02 -13.66 -22.84
C12 I73 D . 0.98 -13.65 -22.89
C17 I73 D . 1.70 -12.70 -22.09
C17 I73 D . 1.68 -12.75 -22.07
C16 I73 D . 3.09 -12.67 -22.08
C16 I73 D . 3.06 -12.73 -22.09
C15 I73 D . 3.80 -13.58 -22.83
C15 I73 D . 3.76 -13.59 -22.93
C14 I73 D . 3.12 -14.54 -23.59
C14 I73 D . 3.07 -14.48 -23.75
C13 I73 D . 1.73 -14.58 -23.59
C13 I73 D . 1.68 -14.51 -23.72
#